data_4O7M
#
_entry.id   4O7M
#
_cell.length_a   80.515
_cell.length_b   118.640
_cell.length_c   89.901
_cell.angle_alpha   90.00
_cell.angle_beta   93.18
_cell.angle_gamma   90.00
#
_symmetry.space_group_name_H-M   'P 1 21 1'
#
loop_
_entity.id
_entity.type
_entity.pdbx_description
1 polymer 'TRAP dicarboxylate transporter, DctP subunit'
2 non-polymer '(2S)-2-hydroxybutanedioic acid'
3 non-polymer 'SULFATE ION'
4 water water
#
_entity_poly.entity_id   1
_entity_poly.type   'polypeptide(L)'
_entity_poly.pdbx_seq_one_letter_code
;(MSE)HHHHHHSSGVDLGTENLYFQS(MSE)APTEIKFSHVVAENTPKGQ(MSE)ALKFKQLVEERLPGEYQVNVFPNSQ
LFGDNNELSALLLNDVQFVAPSLSKFERYTKKLQLFDLPFLFKD(MSE)DAVNRFQQSDAGQQLLNS(MSE)KRKGVVGL
GYLHNG(MSE)KQFSASSPLVLPEDAQGKKFRI(MSE)ASDVLAAQFQAVEAIPVKKPFSEVFTLLQTRAIDGQENTWSN
IYSKKFYEVQSNITESNHGVLDY(MSE)VVTSNTFWKSLPADKRKVIKASLDEAIAYGNEIAAAKVNKDKQAIIDSKRSE
VTYLTPEQRAAWVNA(MSE)KPVWAQFEDKIGKDLIDAAVASNE
;
_entity_poly.pdbx_strand_id   A,B,C,D
#
# COMPACT_ATOMS: atom_id res chain seq x y z
N PRO A 25 18.79 -28.26 -34.81
CA PRO A 25 17.93 -27.14 -34.39
C PRO A 25 18.44 -25.79 -34.86
N THR A 26 17.52 -24.87 -35.12
CA THR A 26 17.87 -23.49 -35.44
C THR A 26 18.41 -22.82 -34.19
N GLU A 27 19.59 -22.21 -34.32
CA GLU A 27 20.26 -21.57 -33.20
C GLU A 27 19.77 -20.14 -33.01
N ILE A 28 19.41 -19.84 -31.78
CA ILE A 28 19.04 -18.51 -31.36
C ILE A 28 20.07 -18.07 -30.33
N LYS A 29 20.74 -16.94 -30.55
CA LYS A 29 21.72 -16.45 -29.59
C LYS A 29 21.14 -15.32 -28.74
N PHE A 30 21.44 -15.36 -27.44
CA PHE A 30 21.05 -14.32 -26.48
C PHE A 30 22.35 -13.88 -25.83
N SER A 31 22.74 -12.63 -26.01
N SER A 31 22.69 -12.60 -25.99
CA SER A 31 23.96 -12.14 -25.39
CA SER A 31 23.93 -12.04 -25.47
C SER A 31 23.66 -11.02 -24.39
C SER A 31 23.63 -11.02 -24.38
N HIS A 32 24.46 -10.98 -23.33
CA HIS A 32 24.37 -9.91 -22.34
C HIS A 32 25.69 -9.73 -21.61
N VAL A 33 25.73 -8.68 -20.79
CA VAL A 33 26.98 -8.23 -20.20
C VAL A 33 27.16 -8.52 -18.72
N VAL A 34 26.16 -9.11 -18.07
CA VAL A 34 26.22 -9.36 -16.64
C VAL A 34 26.63 -10.77 -16.28
N ALA A 35 26.95 -10.95 -15.00
CA ALA A 35 27.23 -12.25 -14.44
C ALA A 35 26.01 -13.17 -14.52
N GLU A 36 26.23 -14.48 -14.41
CA GLU A 36 25.12 -15.41 -14.48
C GLU A 36 24.16 -15.33 -13.30
N ASN A 37 24.68 -15.12 -12.10
CA ASN A 37 23.86 -15.13 -10.89
C ASN A 37 23.31 -13.75 -10.59
N THR A 38 22.41 -13.33 -11.48
CA THR A 38 21.80 -12.01 -11.49
C THR A 38 20.41 -12.14 -12.10
N PRO A 39 19.59 -11.10 -12.00
CA PRO A 39 18.27 -11.20 -12.63
C PRO A 39 18.32 -11.44 -14.15
N LYS A 40 19.15 -10.70 -14.87
CA LYS A 40 19.21 -10.87 -16.32
C LYS A 40 19.89 -12.19 -16.67
N GLY A 41 20.92 -12.56 -15.93
CA GLY A 41 21.57 -13.84 -16.16
C GLY A 41 20.60 -15.00 -16.03
N GLN A 42 19.78 -14.97 -14.99
CA GLN A 42 18.83 -16.03 -14.75
C GLN A 42 17.65 -16.00 -15.70
N ALA A 44 17.84 -15.12 -18.80
CA ALA A 44 18.30 -15.67 -20.08
C ALA A 44 18.36 -17.17 -20.02
N LEU A 45 18.84 -17.70 -18.89
CA LEU A 45 18.90 -19.16 -18.77
C LEU A 45 17.52 -19.80 -18.67
N LYS A 46 16.57 -19.13 -18.01
CA LYS A 46 15.22 -19.65 -17.94
C LYS A 46 14.60 -19.64 -19.33
N PHE A 47 14.85 -18.59 -20.10
CA PHE A 47 14.37 -18.51 -21.48
C PHE A 47 14.86 -19.68 -22.30
N LYS A 48 16.16 -19.97 -22.21
CA LYS A 48 16.72 -21.15 -22.86
C LYS A 48 16.02 -22.43 -22.42
N GLN A 49 15.86 -22.60 -21.11
CA GLN A 49 15.22 -23.82 -20.59
C GLN A 49 13.83 -24.02 -21.21
N LEU A 50 13.03 -22.97 -21.18
CA LEU A 50 11.65 -23.08 -21.62
C LEU A 50 11.53 -23.30 -23.11
N VAL A 51 12.28 -22.55 -23.92
CA VAL A 51 12.25 -22.75 -25.36
C VAL A 51 12.64 -24.17 -25.71
N GLU A 52 13.69 -24.69 -25.09
CA GLU A 52 14.20 -26.01 -25.47
C GLU A 52 13.30 -27.14 -24.98
N GLU A 53 12.58 -26.91 -23.88
CA GLU A 53 11.56 -27.87 -23.41
C GLU A 53 10.38 -27.92 -24.36
N ARG A 54 10.01 -26.78 -24.91
CA ARG A 54 8.79 -26.64 -25.67
C ARG A 54 8.98 -26.90 -27.16
N LEU A 55 10.17 -26.63 -27.68
CA LEU A 55 10.48 -26.82 -29.08
C LEU A 55 11.72 -27.71 -29.25
N PRO A 56 11.74 -28.90 -28.60
CA PRO A 56 12.95 -29.71 -28.56
C PRO A 56 13.40 -30.14 -29.94
N GLY A 57 14.66 -29.87 -30.23
CA GLY A 57 15.22 -30.19 -31.53
C GLY A 57 14.91 -29.21 -32.63
N GLU A 58 14.01 -28.24 -32.38
CA GLU A 58 13.63 -27.27 -33.39
C GLU A 58 14.40 -25.96 -33.20
N TYR A 59 14.53 -25.54 -31.94
CA TYR A 59 15.28 -24.31 -31.61
C TYR A 59 16.15 -24.59 -30.42
N GLN A 60 17.35 -24.03 -30.46
CA GLN A 60 18.30 -24.08 -29.36
C GLN A 60 18.66 -22.66 -29.05
N VAL A 61 18.68 -22.32 -27.76
CA VAL A 61 19.06 -20.98 -27.33
C VAL A 61 20.43 -21.04 -26.68
N ASN A 62 21.40 -20.35 -27.27
CA ASN A 62 22.74 -20.28 -26.70
C ASN A 62 22.90 -18.92 -26.05
N VAL A 63 23.23 -18.96 -24.75
CA VAL A 63 23.30 -17.77 -23.92
C VAL A 63 24.76 -17.43 -23.66
N PHE A 64 25.09 -16.15 -23.87
CA PHE A 64 26.45 -15.67 -23.77
C PHE A 64 26.50 -14.53 -22.76
N PRO A 65 26.81 -14.86 -21.50
CA PRO A 65 26.87 -13.82 -20.47
C PRO A 65 28.21 -13.07 -20.48
N ASN A 66 28.34 -12.08 -19.59
CA ASN A 66 29.66 -11.50 -19.31
C ASN A 66 30.37 -10.92 -20.54
N SER A 67 29.60 -10.41 -21.50
CA SER A 67 30.12 -9.83 -22.75
C SER A 67 31.00 -10.81 -23.54
N GLN A 68 30.78 -12.10 -23.35
CA GLN A 68 31.54 -13.12 -24.08
C GLN A 68 31.32 -13.06 -25.58
N LEU A 69 30.13 -12.61 -26.01
CA LEU A 69 29.83 -12.53 -27.44
C LEU A 69 29.86 -11.07 -27.92
N PHE A 70 28.97 -10.25 -27.36
CA PHE A 70 28.93 -8.82 -27.62
C PHE A 70 28.83 -8.08 -26.30
N GLY A 71 29.42 -6.88 -26.28
CA GLY A 71 29.40 -6.01 -25.11
C GLY A 71 28.48 -4.82 -25.29
N ASP A 72 28.57 -3.88 -24.35
CA ASP A 72 27.69 -2.70 -24.37
C ASP A 72 27.72 -1.95 -25.71
N ASN A 73 28.92 -1.70 -26.22
CA ASN A 73 29.02 -0.75 -27.32
C ASN A 73 28.56 -1.30 -28.65
N ASN A 74 28.62 -2.61 -28.82
CA ASN A 74 28.32 -3.20 -30.13
C ASN A 74 27.12 -4.16 -30.21
N GLU A 75 26.44 -4.39 -29.09
CA GLU A 75 25.37 -5.37 -29.09
C GLU A 75 24.15 -5.00 -29.95
N LEU A 76 23.76 -3.73 -29.97
CA LEU A 76 22.56 -3.34 -30.75
C LEU A 76 22.85 -3.45 -32.25
N SER A 77 24.05 -3.08 -32.67
CA SER A 77 24.46 -3.26 -34.06
C SER A 77 24.44 -4.74 -34.41
N ALA A 78 25.00 -5.57 -33.53
CA ALA A 78 24.99 -7.01 -33.76
C ALA A 78 23.59 -7.53 -33.92
N LEU A 79 22.68 -7.04 -33.09
CA LEU A 79 21.29 -7.48 -33.14
C LEU A 79 20.69 -7.20 -34.51
N LEU A 80 20.84 -5.96 -34.97
CA LEU A 80 20.23 -5.53 -36.23
C LEU A 80 20.87 -6.21 -37.45
N LEU A 81 22.15 -6.59 -37.31
CA LEU A 81 22.83 -7.36 -38.34
C LEU A 81 22.53 -8.86 -38.26
N ASN A 82 21.74 -9.24 -37.27
CA ASN A 82 21.35 -10.60 -36.97
C ASN A 82 22.50 -11.54 -36.62
N ASP A 83 23.55 -10.97 -36.02
CA ASP A 83 24.63 -11.76 -35.44
C ASP A 83 24.27 -12.25 -34.04
N VAL A 84 23.20 -11.70 -33.49
CA VAL A 84 22.61 -12.14 -32.23
C VAL A 84 21.10 -11.86 -32.36
N GLN A 85 20.27 -12.65 -31.67
CA GLN A 85 18.82 -12.57 -31.87
C GLN A 85 18.08 -11.92 -30.70
N PHE A 86 18.67 -11.93 -29.50
CA PHE A 86 18.06 -11.26 -28.36
C PHE A 86 19.17 -10.59 -27.57
N VAL A 87 18.91 -9.35 -27.16
CA VAL A 87 19.75 -8.66 -26.17
C VAL A 87 18.80 -7.95 -25.21
N ALA A 88 19.31 -7.47 -24.07
CA ALA A 88 18.46 -6.81 -23.09
C ALA A 88 19.26 -5.69 -22.42
N PRO A 89 19.58 -4.65 -23.18
CA PRO A 89 20.31 -3.51 -22.62
C PRO A 89 19.53 -2.76 -21.57
N SER A 90 20.27 -2.14 -20.66
CA SER A 90 19.69 -1.09 -19.82
C SER A 90 18.95 -0.08 -20.67
N LEU A 91 17.85 0.41 -20.12
CA LEU A 91 17.06 1.45 -20.74
C LEU A 91 17.87 2.71 -21.04
N SER A 92 19.00 2.87 -20.33
CA SER A 92 19.94 3.96 -20.53
C SER A 92 20.68 3.97 -21.85
N LYS A 93 20.69 2.84 -22.58
CA LYS A 93 21.66 2.61 -23.64
C LYS A 93 21.05 2.67 -25.05
N PHE A 94 19.96 3.42 -25.17
CA PHE A 94 19.20 3.42 -26.40
C PHE A 94 19.15 4.77 -27.15
N GLU A 95 19.96 5.75 -26.75
CA GLU A 95 19.89 7.07 -27.38
C GLU A 95 20.04 7.08 -28.91
N ARG A 96 20.79 6.14 -29.48
CA ARG A 96 20.95 6.12 -30.95
C ARG A 96 19.64 5.81 -31.66
N TYR A 97 18.70 5.18 -30.95
CA TYR A 97 17.48 4.66 -31.55
C TYR A 97 16.20 5.42 -31.18
N THR A 98 16.22 6.09 -30.02
CA THR A 98 15.10 6.90 -29.55
C THR A 98 15.62 7.85 -28.50
N LYS A 99 14.99 9.02 -28.36
CA LYS A 99 15.30 9.91 -27.27
C LYS A 99 14.35 9.72 -26.08
N LYS A 100 13.37 8.83 -26.22
CA LYS A 100 12.34 8.71 -25.18
C LYS A 100 12.76 7.91 -23.97
N LEU A 101 13.61 6.89 -24.17
CA LEU A 101 13.95 5.97 -23.10
C LEU A 101 14.90 6.62 -22.07
N GLN A 102 15.49 7.75 -22.44
CA GLN A 102 16.26 8.59 -21.53
C GLN A 102 15.49 8.95 -20.26
N LEU A 103 14.16 8.96 -20.40
CA LEU A 103 13.23 9.09 -19.29
C LEU A 103 13.74 8.33 -18.06
N PHE A 104 14.12 7.09 -18.28
CA PHE A 104 14.45 6.19 -17.18
C PHE A 104 15.73 6.55 -16.46
N ASP A 105 16.52 7.45 -17.03
CA ASP A 105 17.73 7.93 -16.36
C ASP A 105 17.51 9.17 -15.49
N LEU A 106 16.35 9.81 -15.57
CA LEU A 106 16.17 11.06 -14.82
C LEU A 106 16.31 10.81 -13.34
N PRO A 107 17.15 11.61 -12.65
CA PRO A 107 17.37 11.31 -11.23
C PRO A 107 16.11 11.53 -10.40
N PHE A 108 15.81 10.58 -9.52
CA PHE A 108 14.67 10.70 -8.60
C PHE A 108 13.30 10.79 -9.28
N LEU A 109 13.21 10.26 -10.49
CA LEU A 109 11.92 10.23 -11.19
C LEU A 109 10.93 9.28 -10.51
N PHE A 110 11.39 8.06 -10.24
CA PHE A 110 10.58 7.05 -9.58
C PHE A 110 11.01 6.87 -8.14
N LYS A 111 10.05 6.86 -7.23
CA LYS A 111 10.39 6.68 -5.83
C LYS A 111 10.99 5.31 -5.56
N ASP A 112 10.43 4.29 -6.22
CA ASP A 112 10.78 2.92 -5.91
C ASP A 112 10.32 2.02 -7.05
N ASP A 114 8.00 -0.19 -7.20
CA ASP A 114 6.55 -0.29 -7.40
C ASP A 114 6.10 0.77 -8.41
N ALA A 115 6.59 2.00 -8.28
CA ALA A 115 6.27 3.04 -9.25
C ALA A 115 6.80 2.69 -10.66
N VAL A 116 8.02 2.19 -10.72
CA VAL A 116 8.59 1.78 -12.00
C VAL A 116 7.67 0.80 -12.69
N ASN A 117 7.23 -0.21 -11.95
CA ASN A 117 6.41 -1.23 -12.56
C ASN A 117 5.05 -0.70 -13.02
N ARG A 118 4.46 0.15 -12.19
N ARG A 118 4.46 0.16 -12.20
CA ARG A 118 3.19 0.78 -12.54
CA ARG A 118 3.20 0.76 -12.57
C ARG A 118 3.31 1.57 -13.85
C ARG A 118 3.35 1.50 -13.89
N PHE A 119 4.40 2.31 -13.99
CA PHE A 119 4.64 3.06 -15.22
C PHE A 119 4.84 2.11 -16.40
N GLN A 120 5.71 1.12 -16.26
CA GLN A 120 6.01 0.21 -17.36
C GLN A 120 4.79 -0.52 -17.84
N GLN A 121 3.91 -0.92 -16.92
CA GLN A 121 2.73 -1.71 -17.30
C GLN A 121 1.55 -0.87 -17.83
N SER A 122 1.61 0.44 -17.63
CA SER A 122 0.57 1.36 -18.12
C SER A 122 0.62 1.52 -19.63
N ASP A 123 -0.39 2.18 -20.19
CA ASP A 123 -0.37 2.42 -21.62
C ASP A 123 0.86 3.23 -22.02
N ALA A 124 1.19 4.25 -21.25
CA ALA A 124 2.36 5.09 -21.56
C ALA A 124 3.63 4.25 -21.58
N GLY A 125 3.79 3.36 -20.61
CA GLY A 125 4.96 2.51 -20.57
C GLY A 125 5.01 1.48 -21.67
N GLN A 126 3.88 0.83 -21.92
CA GLN A 126 3.84 -0.20 -22.96
C GLN A 126 4.12 0.38 -24.35
N GLN A 127 3.67 1.59 -24.63
CA GLN A 127 3.91 2.15 -25.96
C GLN A 127 5.40 2.32 -26.24
N LEU A 128 6.20 2.52 -25.21
CA LEU A 128 7.63 2.68 -25.40
C LEU A 128 8.29 1.41 -25.92
N LEU A 129 7.65 0.26 -25.76
CA LEU A 129 8.21 -0.95 -26.36
C LEU A 129 8.31 -0.84 -27.89
N ASN A 130 7.52 0.06 -28.50
CA ASN A 130 7.52 0.23 -29.95
C ASN A 130 8.32 1.45 -30.42
N SER A 131 9.04 2.10 -29.51
CA SER A 131 9.66 3.40 -29.78
C SER A 131 10.82 3.36 -30.79
N LYS A 133 10.96 0.87 -33.45
CA LYS A 133 10.60 0.00 -34.58
C LYS A 133 11.04 0.60 -35.92
N ARG A 134 11.07 1.92 -36.02
CA ARG A 134 11.39 2.52 -37.31
C ARG A 134 12.86 2.37 -37.70
N LYS A 135 13.71 1.96 -36.75
CA LYS A 135 15.11 1.67 -37.01
C LYS A 135 15.42 0.17 -36.88
N GLY A 136 14.38 -0.61 -36.65
CA GLY A 136 14.51 -2.06 -36.74
C GLY A 136 14.45 -2.81 -35.43
N VAL A 137 14.36 -2.09 -34.32
CA VAL A 137 14.41 -2.71 -33.01
C VAL A 137 13.01 -2.93 -32.48
N VAL A 138 12.72 -4.19 -32.14
CA VAL A 138 11.42 -4.60 -31.63
C VAL A 138 11.51 -4.81 -30.12
N GLY A 139 10.73 -4.07 -29.35
CA GLY A 139 10.73 -4.23 -27.91
C GLY A 139 9.75 -5.29 -27.49
N LEU A 140 10.25 -6.25 -26.72
CA LEU A 140 9.48 -7.42 -26.32
C LEU A 140 9.01 -7.41 -24.87
N GLY A 141 9.72 -6.67 -24.01
CA GLY A 141 9.26 -6.53 -22.64
C GLY A 141 10.28 -5.79 -21.79
N TYR A 142 9.83 -5.33 -20.63
CA TYR A 142 10.73 -4.76 -19.62
C TYR A 142 11.19 -5.87 -18.69
N LEU A 143 12.41 -5.74 -18.18
CA LEU A 143 12.97 -6.68 -17.20
C LEU A 143 13.62 -5.86 -16.11
N HIS A 144 13.31 -6.15 -14.85
CA HIS A 144 13.84 -5.38 -13.75
C HIS A 144 15.26 -5.75 -13.34
N ASN A 145 15.98 -4.76 -12.80
CA ASN A 145 17.11 -5.04 -11.94
C ASN A 145 16.81 -4.39 -10.56
N GLY A 146 16.88 -3.07 -10.48
CA GLY A 146 16.59 -2.41 -9.22
C GLY A 146 16.96 -0.95 -9.20
N LYS A 148 19.37 2.19 -8.29
CA LYS A 148 20.80 2.46 -8.24
C LYS A 148 21.22 3.16 -6.95
N GLN A 149 22.41 2.79 -6.50
CA GLN A 149 23.08 3.32 -5.33
C GLN A 149 24.42 3.92 -5.75
N PHE A 150 24.84 5.02 -5.12
CA PHE A 150 26.17 5.56 -5.36
C PHE A 150 27.23 4.79 -4.59
N SER A 151 28.41 4.64 -5.17
CA SER A 151 29.58 4.20 -4.42
C SER A 151 30.81 5.00 -4.78
N ALA A 152 31.78 5.03 -3.86
CA ALA A 152 33.06 5.67 -4.12
C ALA A 152 34.08 5.20 -3.11
N SER A 153 35.30 5.68 -3.29
CA SER A 153 36.40 5.44 -2.37
C SER A 153 36.41 6.43 -1.20
N SER A 154 35.36 7.25 -1.11
CA SER A 154 35.17 8.18 -0.01
C SER A 154 33.66 8.34 0.22
N PRO A 155 33.23 8.84 1.39
CA PRO A 155 31.79 8.98 1.70
C PRO A 155 31.04 9.94 0.78
N LEU A 156 29.80 9.58 0.46
CA LEU A 156 28.92 10.40 -0.37
C LEU A 156 27.61 10.67 0.42
N VAL A 157 27.63 11.70 1.24
CA VAL A 157 26.50 12.01 2.12
C VAL A 157 25.71 13.21 1.58
N LEU A 158 26.42 14.27 1.21
CA LEU A 158 25.79 15.43 0.59
C LEU A 158 26.36 15.59 -0.80
N PRO A 159 25.61 16.24 -1.70
CA PRO A 159 26.09 16.45 -3.06
C PRO A 159 27.51 17.03 -3.13
N GLU A 160 27.87 17.91 -2.20
CA GLU A 160 29.21 18.49 -2.19
C GLU A 160 30.32 17.43 -2.12
N ASP A 161 29.99 16.28 -1.53
CA ASP A 161 30.96 15.18 -1.40
C ASP A 161 31.37 14.58 -2.76
N ALA A 162 30.57 14.80 -3.79
CA ALA A 162 30.89 14.28 -5.12
C ALA A 162 31.83 15.18 -5.94
N GLN A 163 32.08 16.39 -5.45
CA GLN A 163 32.83 17.36 -6.24
C GLN A 163 34.21 16.81 -6.56
N GLY A 164 34.58 16.92 -7.84
CA GLY A 164 35.88 16.51 -8.33
C GLY A 164 36.10 15.01 -8.47
N LYS A 165 35.11 14.20 -8.11
CA LYS A 165 35.28 12.76 -8.18
C LYS A 165 34.91 12.24 -9.56
N LYS A 166 35.65 11.24 -10.04
CA LYS A 166 35.39 10.65 -11.34
C LYS A 166 34.53 9.43 -11.19
N PHE A 167 33.40 9.42 -11.90
CA PHE A 167 32.48 8.29 -11.84
C PHE A 167 32.35 7.68 -13.23
N ARG A 168 32.45 6.36 -13.31
CA ARG A 168 32.02 5.68 -14.54
C ARG A 168 30.51 5.79 -14.63
N ILE A 169 30.01 6.00 -15.84
CA ILE A 169 28.59 5.88 -16.12
C ILE A 169 28.39 4.97 -17.33
N ALA A 171 26.67 4.58 -20.95
CA ALA A 171 26.74 5.55 -22.04
C ALA A 171 25.42 6.28 -22.23
N SER A 172 25.24 7.32 -21.43
CA SER A 172 24.01 8.09 -21.36
C SER A 172 24.34 9.55 -21.11
N ASP A 173 23.76 10.43 -21.93
CA ASP A 173 23.94 11.86 -21.73
C ASP A 173 23.21 12.37 -20.48
N VAL A 174 22.05 11.80 -20.17
CA VAL A 174 21.36 12.15 -18.93
C VAL A 174 22.24 11.82 -17.69
N LEU A 175 22.88 10.66 -17.68
CA LEU A 175 23.72 10.29 -16.54
C LEU A 175 24.96 11.17 -16.45
N ALA A 176 25.50 11.58 -17.59
CA ALA A 176 26.60 12.53 -17.56
C ALA A 176 26.13 13.82 -16.90
N ALA A 177 24.96 14.32 -17.31
CA ALA A 177 24.44 15.54 -16.71
C ALA A 177 24.17 15.39 -15.21
N GLN A 178 23.70 14.21 -14.80
CA GLN A 178 23.48 13.94 -13.39
C GLN A 178 24.73 14.20 -12.57
N PHE A 179 25.85 13.64 -13.02
CA PHE A 179 27.09 13.86 -12.29
C PHE A 179 27.67 15.26 -12.46
N GLN A 180 27.53 15.86 -13.63
CA GLN A 180 28.00 17.23 -13.79
C GLN A 180 27.24 18.19 -12.88
N ALA A 181 25.99 17.86 -12.55
CA ALA A 181 25.18 18.72 -11.68
C ALA A 181 25.75 18.83 -10.28
N VAL A 182 26.56 17.86 -9.88
CA VAL A 182 27.21 17.88 -8.57
C VAL A 182 28.73 18.05 -8.73
N GLU A 183 29.13 18.58 -9.87
CA GLU A 183 30.53 18.97 -10.11
C GLU A 183 31.46 17.77 -10.06
N ALA A 184 30.93 16.60 -10.41
CA ALA A 184 31.70 15.38 -10.58
C ALA A 184 32.02 15.19 -12.06
N ILE A 185 32.90 14.23 -12.36
CA ILE A 185 33.41 14.04 -13.71
C ILE A 185 32.97 12.66 -14.20
N PRO A 186 31.98 12.61 -15.09
CA PRO A 186 31.48 11.33 -15.58
C PRO A 186 32.29 10.82 -16.77
N VAL A 187 32.57 9.52 -16.80
CA VAL A 187 33.23 8.91 -17.94
C VAL A 187 32.40 7.71 -18.38
N LYS A 188 32.02 7.71 -19.64
CA LYS A 188 31.22 6.65 -20.22
C LYS A 188 32.12 5.48 -20.56
N LYS A 189 31.81 4.30 -20.04
CA LYS A 189 32.60 3.10 -20.27
C LYS A 189 31.67 1.90 -20.28
N PRO A 190 32.00 0.89 -21.09
CA PRO A 190 31.19 -0.32 -21.10
C PRO A 190 31.29 -1.08 -19.78
N PHE A 191 30.23 -1.82 -19.45
CA PHE A 191 30.13 -2.51 -18.18
C PHE A 191 31.31 -3.43 -17.95
N SER A 192 31.82 -4.06 -19.02
CA SER A 192 32.91 -5.02 -18.87
C SER A 192 34.19 -4.40 -18.31
N GLU A 193 34.32 -3.07 -18.40
CA GLU A 193 35.54 -2.36 -18.02
C GLU A 193 35.51 -1.85 -16.58
N VAL A 194 34.35 -1.87 -15.92
CA VAL A 194 34.21 -1.17 -14.66
C VAL A 194 35.06 -1.76 -13.55
N PHE A 195 35.06 -3.09 -13.42
CA PHE A 195 35.87 -3.73 -12.39
C PHE A 195 37.33 -3.27 -12.43
N THR A 196 37.93 -3.32 -13.60
CA THR A 196 39.34 -2.99 -13.72
C THR A 196 39.55 -1.48 -13.45
N LEU A 197 38.63 -0.62 -13.90
CA LEU A 197 38.77 0.81 -13.64
C LEU A 197 38.72 1.11 -12.15
N LEU A 198 37.86 0.41 -11.42
CA LEU A 198 37.83 0.56 -9.96
C LEU A 198 39.10 0.01 -9.31
N GLN A 199 39.52 -1.18 -9.73
CA GLN A 199 40.69 -1.86 -9.15
C GLN A 199 41.95 -1.01 -9.30
N THR A 200 42.08 -0.33 -10.44
CA THR A 200 43.28 0.45 -10.72
C THR A 200 43.16 1.89 -10.25
N ARG A 201 42.00 2.23 -9.70
CA ARG A 201 41.69 3.57 -9.22
C ARG A 201 41.72 4.63 -10.32
N ALA A 202 41.48 4.19 -11.54
CA ALA A 202 41.34 5.13 -12.67
C ALA A 202 39.99 5.88 -12.63
N ILE A 203 39.04 5.36 -11.87
CA ILE A 203 37.84 6.10 -11.51
C ILE A 203 37.72 6.03 -10.00
N ASP A 204 36.98 6.96 -9.41
CA ASP A 204 36.75 7.00 -7.97
C ASP A 204 35.47 6.28 -7.52
N GLY A 205 34.46 6.29 -8.38
CA GLY A 205 33.13 5.82 -7.99
C GLY A 205 32.30 5.38 -9.17
N GLN A 206 31.10 4.89 -8.87
CA GLN A 206 30.15 4.47 -9.89
C GLN A 206 28.75 4.46 -9.28
N GLU A 207 27.74 4.07 -10.07
CA GLU A 207 26.39 3.90 -9.56
C GLU A 207 25.85 2.58 -10.09
N ASN A 208 25.21 1.79 -9.23
CA ASN A 208 24.63 0.54 -9.71
C ASN A 208 23.73 -0.10 -8.67
N THR A 209 23.04 -1.17 -9.09
CA THR A 209 22.18 -1.89 -8.18
C THR A 209 23.02 -2.78 -7.26
N TRP A 210 22.44 -3.16 -6.13
CA TRP A 210 23.14 -4.10 -5.26
C TRP A 210 23.57 -5.37 -6.01
N SER A 211 22.72 -5.85 -6.92
CA SER A 211 23.04 -7.06 -7.66
C SER A 211 24.34 -6.92 -8.46
N ASN A 212 24.51 -5.83 -9.19
CA ASN A 212 25.73 -5.64 -9.93
C ASN A 212 26.91 -5.34 -9.02
N ILE A 213 26.69 -4.53 -7.99
CA ILE A 213 27.79 -4.24 -7.06
C ILE A 213 28.34 -5.53 -6.46
N TYR A 214 27.45 -6.42 -6.03
CA TYR A 214 27.86 -7.68 -5.41
C TYR A 214 28.42 -8.68 -6.41
N SER A 215 27.69 -8.94 -7.50
CA SER A 215 28.08 -10.01 -8.41
C SER A 215 29.39 -9.71 -9.14
N LYS A 216 29.71 -8.43 -9.32
CA LYS A 216 30.96 -8.02 -9.96
C LYS A 216 32.04 -7.65 -8.95
N LYS A 217 31.74 -7.75 -7.66
CA LYS A 217 32.70 -7.48 -6.60
C LYS A 217 33.21 -6.03 -6.60
N PHE A 218 32.38 -5.10 -7.10
CA PHE A 218 32.73 -3.69 -7.03
C PHE A 218 32.95 -3.25 -5.57
N TYR A 219 32.20 -3.84 -4.65
CA TYR A 219 32.30 -3.47 -3.25
C TYR A 219 33.68 -3.75 -2.63
N GLU A 220 34.44 -4.67 -3.22
CA GLU A 220 35.77 -4.97 -2.71
C GLU A 220 36.76 -3.83 -2.91
N VAL A 221 36.44 -2.92 -3.83
CA VAL A 221 37.26 -1.74 -4.10
C VAL A 221 36.45 -0.44 -4.06
N GLN A 222 35.36 -0.46 -3.29
CA GLN A 222 34.60 0.75 -2.99
C GLN A 222 34.30 0.79 -1.49
N SER A 223 35.04 1.62 -0.76
CA SER A 223 34.95 1.68 0.69
C SER A 223 33.61 2.23 1.20
N ASN A 224 32.90 2.93 0.33
CA ASN A 224 31.68 3.61 0.72
C ASN A 224 30.56 3.43 -0.30
N ILE A 225 29.38 3.11 0.21
CA ILE A 225 28.17 3.01 -0.60
C ILE A 225 27.09 3.82 0.10
N THR A 226 26.34 4.59 -0.65
CA THR A 226 25.20 5.29 -0.10
C THR A 226 23.92 4.71 -0.66
N GLU A 227 22.99 4.36 0.20
CA GLU A 227 21.67 3.92 -0.24
C GLU A 227 20.89 5.13 -0.71
N SER A 228 21.20 5.56 -1.92
CA SER A 228 20.62 6.76 -2.48
C SER A 228 19.34 6.55 -3.27
N ASN A 229 19.13 5.34 -3.81
CA ASN A 229 17.93 5.08 -4.62
C ASN A 229 17.62 6.20 -5.62
N HIS A 230 18.66 6.68 -6.30
CA HIS A 230 18.57 7.95 -6.99
C HIS A 230 18.17 7.77 -8.46
N GLY A 231 18.06 6.53 -8.91
CA GLY A 231 17.60 6.24 -10.25
C GLY A 231 17.31 4.78 -10.40
N VAL A 232 16.70 4.39 -11.50
CA VAL A 232 16.38 2.99 -11.76
C VAL A 232 17.30 2.42 -12.83
N LEU A 233 17.74 1.18 -12.63
CA LEU A 233 18.43 0.40 -13.65
C LEU A 233 17.52 -0.77 -14.02
N ASP A 234 16.83 -0.65 -15.15
CA ASP A 234 15.99 -1.72 -15.71
C ASP A 234 16.39 -1.90 -17.16
N TYR A 235 15.83 -2.93 -17.78
CA TYR A 235 16.18 -3.31 -19.15
C TYR A 235 14.97 -3.36 -20.06
N VAL A 237 14.08 -5.98 -23.10
CA VAL A 237 14.44 -7.12 -23.92
C VAL A 237 14.00 -6.80 -25.33
N VAL A 238 14.93 -6.92 -26.28
CA VAL A 238 14.66 -6.54 -27.67
C VAL A 238 15.14 -7.60 -28.65
N THR A 239 14.53 -7.60 -29.83
CA THR A 239 15.01 -8.37 -30.97
C THR A 239 15.00 -7.47 -32.20
N SER A 240 15.36 -8.03 -33.35
CA SER A 240 15.31 -7.27 -34.62
C SER A 240 14.03 -7.61 -35.37
N ASN A 241 13.55 -6.68 -36.16
CA ASN A 241 12.44 -6.96 -37.07
C ASN A 241 12.80 -8.16 -37.95
N THR A 242 14.04 -8.20 -38.43
CA THR A 242 14.47 -9.27 -39.32
C THR A 242 14.25 -10.63 -38.68
N PHE A 243 14.79 -10.82 -37.48
CA PHE A 243 14.63 -12.12 -36.83
C PHE A 243 13.18 -12.41 -36.48
N TRP A 244 12.51 -11.44 -35.87
CA TRP A 244 11.16 -11.67 -35.36
C TRP A 244 10.21 -12.05 -36.52
N LYS A 245 10.34 -11.36 -37.64
CA LYS A 245 9.50 -11.66 -38.80
C LYS A 245 9.84 -13.00 -39.45
N SER A 246 11.07 -13.46 -39.26
CA SER A 246 11.55 -14.69 -39.89
C SER A 246 10.95 -15.95 -39.29
N LEU A 247 10.45 -15.83 -38.06
CA LEU A 247 9.83 -16.96 -37.38
C LEU A 247 8.45 -17.25 -37.92
N PRO A 248 8.13 -18.54 -38.06
CA PRO A 248 6.72 -18.86 -38.29
C PRO A 248 5.87 -18.35 -37.13
N ALA A 249 4.64 -17.93 -37.39
CA ALA A 249 3.81 -17.32 -36.37
C ALA A 249 3.61 -18.24 -35.16
N ASP A 250 3.39 -19.54 -35.39
CA ASP A 250 3.15 -20.44 -34.26
C ASP A 250 4.39 -20.59 -33.38
N LYS A 251 5.56 -20.64 -33.98
CA LYS A 251 6.79 -20.77 -33.21
C LYS A 251 7.08 -19.46 -32.49
N ARG A 252 6.80 -18.34 -33.15
CA ARG A 252 7.00 -17.03 -32.53
C ARG A 252 6.18 -16.94 -31.24
N LYS A 253 4.96 -17.46 -31.28
CA LYS A 253 4.08 -17.41 -30.11
C LYS A 253 4.68 -18.19 -28.95
N VAL A 254 5.24 -19.36 -29.24
CA VAL A 254 5.83 -20.18 -28.20
C VAL A 254 7.08 -19.49 -27.62
N ILE A 255 7.87 -18.91 -28.50
CA ILE A 255 9.09 -18.23 -28.07
C ILE A 255 8.74 -16.99 -27.23
N LYS A 256 7.75 -16.22 -27.68
CA LYS A 256 7.29 -15.05 -26.92
C LYS A 256 6.73 -15.46 -25.55
N ALA A 257 5.96 -16.53 -25.50
CA ALA A 257 5.43 -17.01 -24.22
C ALA A 257 6.58 -17.35 -23.28
N SER A 258 7.57 -18.06 -23.81
CA SER A 258 8.72 -18.47 -23.04
C SER A 258 9.50 -17.26 -22.54
N LEU A 259 9.69 -16.27 -23.40
CA LEU A 259 10.33 -15.02 -23.00
C LEU A 259 9.57 -14.32 -21.88
N ASP A 260 8.25 -14.22 -22.02
CA ASP A 260 7.44 -13.53 -21.03
C ASP A 260 7.58 -14.23 -19.66
N GLU A 261 7.54 -15.56 -19.67
CA GLU A 261 7.66 -16.33 -18.44
C GLU A 261 9.06 -16.19 -17.84
N ALA A 262 10.07 -16.15 -18.71
CA ALA A 262 11.44 -15.98 -18.25
C ALA A 262 11.62 -14.59 -17.64
N ILE A 263 10.95 -13.57 -18.20
CA ILE A 263 10.98 -12.23 -17.63
C ILE A 263 10.36 -12.22 -16.23
N ALA A 264 9.22 -12.90 -16.09
CA ALA A 264 8.59 -12.97 -14.77
C ALA A 264 9.56 -13.61 -13.78
N TYR A 265 10.26 -14.66 -14.22
CA TYR A 265 11.25 -15.31 -13.35
C TYR A 265 12.36 -14.34 -12.99
N GLY A 266 12.90 -13.68 -14.00
CA GLY A 266 13.94 -12.70 -13.78
C GLY A 266 13.54 -11.61 -12.81
N ASN A 267 12.30 -11.15 -12.91
CA ASN A 267 11.83 -10.10 -12.02
C ASN A 267 11.77 -10.61 -10.58
N GLU A 268 11.38 -11.87 -10.39
CA GLU A 268 11.37 -12.47 -9.06
C GLU A 268 12.77 -12.50 -8.50
N ILE A 269 13.72 -12.90 -9.33
CA ILE A 269 15.12 -12.93 -8.91
C ILE A 269 15.60 -11.51 -8.58
N ALA A 270 15.24 -10.51 -9.38
CA ALA A 270 15.67 -9.14 -9.14
C ALA A 270 15.21 -8.68 -7.78
N ALA A 271 13.98 -9.00 -7.42
CA ALA A 271 13.42 -8.53 -6.16
C ALA A 271 14.13 -9.21 -4.99
N ALA A 272 14.47 -10.47 -5.15
CA ALA A 272 15.18 -11.18 -4.08
C ALA A 272 16.62 -10.69 -3.93
N LYS A 273 17.28 -10.39 -5.04
CA LYS A 273 18.68 -9.99 -5.00
C LYS A 273 18.86 -8.64 -4.32
N VAL A 274 17.86 -7.76 -4.42
CA VAL A 274 17.94 -6.46 -3.77
C VAL A 274 18.28 -6.65 -2.30
N ASN A 275 17.51 -7.48 -1.60
CA ASN A 275 17.77 -7.73 -0.19
C ASN A 275 19.00 -8.60 0.05
N LYS A 276 19.11 -9.69 -0.69
CA LYS A 276 20.16 -10.67 -0.44
C LYS A 276 21.56 -10.15 -0.72
N ASP A 277 21.70 -9.44 -1.82
CA ASP A 277 23.02 -8.93 -2.19
C ASP A 277 23.42 -7.71 -1.37
N LYS A 278 22.48 -6.84 -1.02
CA LYS A 278 22.77 -5.78 -0.06
C LYS A 278 23.32 -6.40 1.23
N GLN A 279 22.61 -7.39 1.75
CA GLN A 279 23.01 -8.02 3.01
C GLN A 279 24.42 -8.66 2.89
N ALA A 280 24.68 -9.33 1.78
CA ALA A 280 26.00 -9.94 1.56
C ALA A 280 27.10 -8.90 1.54
N ILE A 281 26.83 -7.75 0.95
CA ILE A 281 27.82 -6.68 0.94
C ILE A 281 28.09 -6.18 2.36
N ILE A 282 27.04 -5.95 3.12
CA ILE A 282 27.19 -5.52 4.51
C ILE A 282 27.97 -6.55 5.33
N ASP A 283 27.64 -7.83 5.14
CA ASP A 283 28.26 -8.91 5.89
C ASP A 283 29.76 -8.97 5.61
N SER A 284 30.18 -8.58 4.41
CA SER A 284 31.59 -8.66 4.05
C SER A 284 32.48 -7.71 4.83
N LYS A 285 31.86 -6.66 5.36
CA LYS A 285 32.54 -5.60 6.09
C LYS A 285 33.57 -4.81 5.24
N ARG A 286 33.53 -5.00 3.91
CA ARG A 286 34.45 -4.28 3.02
C ARG A 286 34.01 -2.83 2.73
N SER A 287 32.71 -2.55 2.88
CA SER A 287 32.16 -1.25 2.52
C SER A 287 31.20 -0.71 3.56
N GLU A 288 31.34 0.57 3.87
N GLU A 288 31.33 0.57 3.89
CA GLU A 288 30.45 1.22 4.80
CA GLU A 288 30.42 1.16 4.84
C GLU A 288 29.24 1.71 4.02
C GLU A 288 29.24 1.76 4.08
N VAL A 289 28.05 1.33 4.46
CA VAL A 289 26.83 1.79 3.82
C VAL A 289 26.24 2.91 4.64
N THR A 290 26.04 4.06 3.98
CA THR A 290 25.43 5.21 4.61
C THR A 290 23.97 5.36 4.18
N TYR A 291 23.10 5.66 5.14
CA TYR A 291 21.70 5.91 4.88
C TYR A 291 21.42 7.39 5.10
N LEU A 292 20.71 7.99 4.16
CA LEU A 292 20.51 9.43 4.20
C LEU A 292 19.36 9.86 5.11
N THR A 293 19.54 10.99 5.78
CA THR A 293 18.44 11.65 6.46
C THR A 293 17.53 12.28 5.42
N PRO A 294 16.28 12.58 5.80
CA PRO A 294 15.40 13.23 4.83
C PRO A 294 16.00 14.52 4.28
N GLU A 295 16.68 15.31 5.10
CA GLU A 295 17.29 16.55 4.64
C GLU A 295 18.42 16.29 3.65
N GLN A 296 19.18 15.23 3.89
CA GLN A 296 20.24 14.88 2.96
C GLN A 296 19.66 14.45 1.61
N ARG A 297 18.64 13.60 1.62
CA ARG A 297 18.03 13.17 0.36
C ARG A 297 17.53 14.39 -0.40
N ALA A 298 16.88 15.31 0.30
CA ALA A 298 16.34 16.50 -0.36
C ALA A 298 17.43 17.33 -1.04
N ALA A 299 18.62 17.38 -0.44
CA ALA A 299 19.73 18.11 -1.03
C ALA A 299 20.16 17.49 -2.36
N TRP A 300 20.23 16.18 -2.41
CA TRP A 300 20.53 15.49 -3.67
C TRP A 300 19.44 15.75 -4.71
N VAL A 301 18.18 15.66 -4.29
CA VAL A 301 17.06 15.91 -5.21
C VAL A 301 17.18 17.32 -5.79
N ASN A 302 17.43 18.30 -4.93
CA ASN A 302 17.49 19.69 -5.39
C ASN A 302 18.66 19.90 -6.36
N ALA A 303 19.78 19.26 -6.08
CA ALA A 303 20.95 19.40 -6.92
C ALA A 303 20.73 18.80 -8.31
N LYS A 305 18.12 18.57 -10.28
CA LYS A 305 16.97 19.07 -11.04
C LYS A 305 17.25 20.04 -12.21
N PRO A 306 18.42 20.66 -12.27
CA PRO A 306 18.73 21.17 -13.60
C PRO A 306 18.64 20.07 -14.66
N VAL A 307 18.89 18.81 -14.30
CA VAL A 307 18.95 17.75 -15.29
C VAL A 307 17.61 17.55 -15.99
N TRP A 308 16.49 17.58 -15.27
CA TRP A 308 15.21 17.33 -15.93
C TRP A 308 14.91 18.41 -16.98
N ALA A 309 15.19 19.66 -16.62
CA ALA A 309 14.93 20.78 -17.53
C ALA A 309 15.76 20.64 -18.80
N GLN A 310 16.98 20.15 -18.66
CA GLN A 310 17.87 20.01 -19.80
C GLN A 310 17.31 19.02 -20.83
N PHE A 311 16.62 17.99 -20.37
CA PHE A 311 16.20 16.92 -21.26
C PHE A 311 14.70 16.82 -21.54
N GLU A 312 13.91 17.66 -20.90
CA GLU A 312 12.46 17.47 -20.99
C GLU A 312 11.91 17.62 -22.41
N ASP A 313 12.45 18.55 -23.20
CA ASP A 313 11.92 18.74 -24.56
C ASP A 313 12.20 17.52 -25.46
N LYS A 314 13.37 16.91 -25.31
CA LYS A 314 13.74 15.74 -26.10
C LYS A 314 13.00 14.48 -25.65
N ILE A 315 12.86 14.31 -24.33
CA ILE A 315 12.14 13.17 -23.83
C ILE A 315 10.66 13.30 -24.07
N GLY A 316 10.15 14.50 -23.83
CA GLY A 316 8.73 14.83 -23.92
C GLY A 316 8.13 15.08 -22.55
N LYS A 317 7.66 16.31 -22.33
CA LYS A 317 7.07 16.65 -21.04
C LYS A 317 5.88 15.78 -20.68
N ASP A 318 5.06 15.41 -21.66
CA ASP A 318 3.86 14.64 -21.37
C ASP A 318 4.24 13.24 -20.88
N LEU A 319 5.30 12.70 -21.46
CA LEU A 319 5.84 11.42 -21.05
C LEU A 319 6.41 11.48 -19.63
N ILE A 320 7.17 12.54 -19.35
CA ILE A 320 7.66 12.74 -17.98
C ILE A 320 6.49 12.85 -17.01
N ASP A 321 5.43 13.58 -17.39
CA ASP A 321 4.26 13.73 -16.53
C ASP A 321 3.61 12.36 -16.24
N ALA A 322 3.60 11.46 -17.23
CA ALA A 322 3.09 10.13 -17.01
C ALA A 322 3.93 9.36 -16.00
N ALA A 323 5.25 9.42 -16.16
CA ALA A 323 6.14 8.75 -15.22
C ALA A 323 6.01 9.32 -13.80
N VAL A 324 5.92 10.63 -13.67
CA VAL A 324 5.74 11.24 -12.35
C VAL A 324 4.44 10.71 -11.73
N ALA A 325 3.40 10.56 -12.55
CA ALA A 325 2.10 10.12 -12.05
C ALA A 325 2.11 8.68 -11.53
N SER A 326 3.09 7.88 -11.95
CA SER A 326 3.20 6.50 -11.49
C SER A 326 3.57 6.40 -10.01
N ASN A 327 4.04 7.52 -9.42
CA ASN A 327 4.38 7.56 -8.01
C ASN A 327 3.18 7.69 -7.10
N GLU A 328 2.06 8.13 -7.66
CA GLU A 328 0.85 8.29 -6.87
C GLU A 328 0.28 6.91 -6.53
N ALA B 24 -25.44 1.96 24.71
CA ALA B 24 -24.96 1.84 23.34
C ALA B 24 -24.58 0.39 23.04
N PRO B 25 -24.99 -0.12 21.88
CA PRO B 25 -24.60 -1.50 21.62
C PRO B 25 -23.11 -1.63 21.33
N THR B 26 -22.56 -2.80 21.66
CA THR B 26 -21.19 -3.15 21.33
C THR B 26 -21.11 -3.38 19.83
N GLU B 27 -20.17 -2.71 19.19
CA GLU B 27 -20.02 -2.78 17.74
C GLU B 27 -19.19 -3.98 17.33
N ILE B 28 -19.68 -4.72 16.34
CA ILE B 28 -18.99 -5.85 15.73
C ILE B 28 -18.83 -5.51 14.26
N LYS B 29 -17.60 -5.41 13.78
CA LYS B 29 -17.36 -5.16 12.36
C LYS B 29 -17.07 -6.45 11.61
N PHE B 30 -17.72 -6.56 10.46
CA PHE B 30 -17.53 -7.67 9.54
C PHE B 30 -17.08 -7.07 8.21
N SER B 31 -15.88 -7.43 7.77
N SER B 31 -15.89 -7.42 7.75
CA SER B 31 -15.28 -6.94 6.51
CA SER B 31 -15.43 -6.92 6.47
C SER B 31 -15.22 -8.08 5.49
C SER B 31 -15.15 -8.03 5.48
N HIS B 32 -15.48 -7.75 4.23
CA HIS B 32 -15.23 -8.68 3.15
C HIS B 32 -14.99 -7.93 1.85
N VAL B 33 -14.59 -8.68 0.84
CA VAL B 33 -14.14 -8.08 -0.42
C VAL B 33 -15.12 -8.20 -1.57
N VAL B 34 -16.22 -8.89 -1.39
CA VAL B 34 -17.16 -9.11 -2.48
C VAL B 34 -18.29 -8.11 -2.54
N ALA B 35 -19.02 -8.15 -3.64
CA ALA B 35 -20.26 -7.38 -3.80
C ALA B 35 -21.35 -7.86 -2.83
N GLU B 36 -22.31 -7.00 -2.55
N GLU B 36 -22.33 -7.02 -2.56
CA GLU B 36 -23.40 -7.35 -1.65
CA GLU B 36 -23.38 -7.38 -1.62
C GLU B 36 -24.25 -8.53 -2.13
C GLU B 36 -24.31 -8.49 -2.12
N ASN B 37 -24.58 -8.52 -3.41
CA ASN B 37 -25.51 -9.52 -3.97
C ASN B 37 -24.76 -10.78 -4.39
N THR B 38 -24.28 -11.49 -3.38
CA THR B 38 -23.44 -12.67 -3.48
C THR B 38 -23.69 -13.55 -2.25
N PRO B 39 -23.23 -14.82 -2.28
CA PRO B 39 -23.42 -15.64 -1.06
C PRO B 39 -22.75 -15.05 0.21
N LYS B 40 -21.52 -14.56 0.10
CA LYS B 40 -20.85 -13.99 1.28
C LYS B 40 -21.48 -12.66 1.66
N GLY B 41 -21.82 -11.83 0.68
CA GLY B 41 -22.46 -10.55 0.97
C GLY B 41 -23.78 -10.73 1.71
N GLN B 42 -24.55 -11.74 1.28
CA GLN B 42 -25.84 -12.01 1.90
C GLN B 42 -25.70 -12.71 3.24
N ALA B 44 -23.31 -12.16 5.35
CA ALA B 44 -22.91 -11.15 6.33
C ALA B 44 -24.10 -10.28 6.77
N LEU B 45 -24.96 -9.94 5.81
CA LEU B 45 -26.15 -9.16 6.13
C LEU B 45 -27.18 -9.97 6.92
N LYS B 46 -27.30 -11.26 6.63
CA LYS B 46 -28.20 -12.11 7.43
C LYS B 46 -27.69 -12.25 8.88
N PHE B 47 -26.38 -12.38 9.04
CA PHE B 47 -25.78 -12.45 10.36
C PHE B 47 -26.10 -11.20 11.16
N LYS B 48 -25.94 -10.04 10.52
CA LYS B 48 -26.31 -8.78 11.14
C LYS B 48 -27.76 -8.78 11.58
N GLN B 49 -28.64 -9.20 10.67
CA GLN B 49 -30.08 -9.19 10.96
C GLN B 49 -30.38 -10.05 12.18
N LEU B 50 -29.84 -11.26 12.19
CA LEU B 50 -30.15 -12.21 13.26
C LEU B 50 -29.56 -11.76 14.60
N VAL B 51 -28.31 -11.30 14.60
CA VAL B 51 -27.71 -10.82 15.84
C VAL B 51 -28.53 -9.68 16.42
N GLU B 52 -28.92 -8.73 15.58
CA GLU B 52 -29.62 -7.55 16.06
C GLU B 52 -31.06 -7.83 16.49
N GLU B 53 -31.67 -8.84 15.87
CA GLU B 53 -32.99 -9.29 16.28
C GLU B 53 -32.97 -9.97 17.65
N ARG B 54 -31.91 -10.74 17.88
CA ARG B 54 -31.85 -11.61 19.05
C ARG B 54 -31.21 -10.97 20.26
N LEU B 55 -30.38 -9.96 20.03
CA LEU B 55 -29.70 -9.23 21.09
C LEU B 55 -29.86 -7.73 20.89
N PRO B 56 -31.12 -7.28 20.73
CA PRO B 56 -31.38 -5.89 20.33
C PRO B 56 -30.84 -4.89 21.36
N GLY B 57 -30.06 -3.93 20.88
CA GLY B 57 -29.45 -2.93 21.74
C GLY B 57 -28.19 -3.40 22.45
N GLU B 58 -27.86 -4.68 22.34
CA GLU B 58 -26.67 -5.21 23.00
C GLU B 58 -25.48 -5.28 22.04
N TYR B 59 -25.74 -5.71 20.80
CA TYR B 59 -24.71 -5.78 19.78
C TYR B 59 -25.25 -5.24 18.48
N GLN B 60 -24.37 -4.57 17.75
CA GLN B 60 -24.69 -4.09 16.41
C GLN B 60 -23.60 -4.58 15.47
N VAL B 61 -23.99 -5.12 14.33
CA VAL B 61 -23.04 -5.63 13.37
C VAL B 61 -22.98 -4.66 12.20
N ASN B 62 -21.78 -4.14 11.96
CA ASN B 62 -21.54 -3.22 10.86
C ASN B 62 -20.77 -3.95 9.78
N VAL B 63 -21.37 -4.03 8.59
CA VAL B 63 -20.83 -4.83 7.51
C VAL B 63 -20.21 -3.91 6.45
N PHE B 64 -18.97 -4.21 6.07
CA PHE B 64 -18.23 -3.44 5.07
C PHE B 64 -17.88 -4.34 3.89
N PRO B 65 -18.64 -4.21 2.80
CA PRO B 65 -18.40 -5.03 1.61
C PRO B 65 -17.34 -4.39 0.72
N ASN B 66 -17.00 -5.07 -0.39
CA ASN B 66 -16.19 -4.47 -1.45
C ASN B 66 -14.84 -3.90 -1.01
N SER B 67 -14.21 -4.53 -0.01
CA SER B 67 -12.90 -4.11 0.49
C SER B 67 -12.91 -2.68 1.04
N GLN B 68 -14.10 -2.17 1.41
CA GLN B 68 -14.21 -0.79 1.89
C GLN B 68 -13.55 -0.56 3.25
N LEU B 69 -13.42 -1.61 4.06
CA LEU B 69 -12.74 -1.51 5.34
C LEU B 69 -11.33 -2.11 5.21
N PHE B 70 -11.26 -3.41 4.92
CA PHE B 70 -10.01 -4.11 4.66
C PHE B 70 -10.14 -4.97 3.40
N GLY B 71 -9.01 -5.16 2.73
CA GLY B 71 -8.96 -5.99 1.55
C GLY B 71 -8.22 -7.30 1.78
N ASP B 72 -7.99 -8.01 0.69
CA ASP B 72 -7.34 -9.34 0.77
C ASP B 72 -6.06 -9.31 1.58
N ASN B 73 -5.20 -8.34 1.30
CA ASN B 73 -3.84 -8.43 1.81
C ASN B 73 -3.70 -8.06 3.28
N ASN B 74 -4.63 -7.29 3.83
CA ASN B 74 -4.49 -6.84 5.20
C ASN B 74 -5.57 -7.28 6.19
N GLU B 75 -6.55 -8.05 5.73
CA GLU B 75 -7.69 -8.37 6.59
C GLU B 75 -7.37 -9.30 7.76
N LEU B 76 -6.46 -10.24 7.60
CA LEU B 76 -6.18 -11.16 8.70
C LEU B 76 -5.37 -10.49 9.83
N SER B 77 -4.40 -9.65 9.47
N SER B 77 -4.41 -9.63 9.47
CA SER B 77 -3.68 -8.87 10.46
CA SER B 77 -3.68 -8.89 10.49
C SER B 77 -4.64 -7.93 11.20
C SER B 77 -4.63 -7.91 11.20
N ALA B 78 -5.53 -7.30 10.45
CA ALA B 78 -6.54 -6.41 11.02
C ALA B 78 -7.40 -7.18 12.03
N LEU B 79 -7.77 -8.39 11.67
CA LEU B 79 -8.56 -9.23 12.56
C LEU B 79 -7.85 -9.46 13.90
N LEU B 80 -6.59 -9.86 13.83
CA LEU B 80 -5.81 -10.19 15.02
C LEU B 80 -5.49 -8.95 15.84
N LEU B 81 -5.43 -7.79 15.20
CA LEU B 81 -5.27 -6.52 15.88
C LEU B 81 -6.60 -5.95 16.41
N ASN B 82 -7.69 -6.68 16.17
CA ASN B 82 -9.04 -6.31 16.57
C ASN B 82 -9.55 -5.02 15.94
N ASP B 83 -9.05 -4.72 14.75
CA ASP B 83 -9.60 -3.63 13.93
C ASP B 83 -10.87 -4.10 13.18
N VAL B 84 -11.09 -5.41 13.17
CA VAL B 84 -12.31 -6.02 12.62
C VAL B 84 -12.52 -7.30 13.43
N GLN B 85 -13.77 -7.73 13.56
CA GLN B 85 -14.11 -8.89 14.41
C GLN B 85 -14.44 -10.18 13.65
N PHE B 86 -14.94 -10.04 12.42
CA PHE B 86 -15.21 -11.20 11.57
C PHE B 86 -14.74 -10.89 10.18
N VAL B 87 -14.05 -11.87 9.58
CA VAL B 87 -13.74 -11.87 8.16
C VAL B 87 -14.01 -13.28 7.63
N ALA B 88 -14.09 -13.42 6.31
CA ALA B 88 -14.36 -14.73 5.72
C ALA B 88 -13.59 -14.89 4.41
N PRO B 89 -12.27 -15.01 4.53
CA PRO B 89 -11.44 -15.19 3.34
C PRO B 89 -11.64 -16.52 2.67
N SER B 90 -11.37 -16.54 1.37
CA SER B 90 -11.23 -17.79 0.65
C SER B 90 -10.24 -18.67 1.38
N LEU B 91 -10.50 -19.96 1.34
CA LEU B 91 -9.62 -20.96 1.93
C LEU B 91 -8.21 -20.89 1.34
N SER B 92 -8.08 -20.30 0.15
CA SER B 92 -6.80 -20.07 -0.53
C SER B 92 -5.85 -19.09 0.18
N LYS B 93 -6.38 -18.31 1.10
CA LYS B 93 -5.69 -17.11 1.56
C LYS B 93 -5.09 -17.24 2.97
N PHE B 94 -4.83 -18.48 3.40
CA PHE B 94 -4.42 -18.75 4.77
C PHE B 94 -2.98 -19.24 4.95
N GLU B 95 -2.15 -19.19 3.90
CA GLU B 95 -0.81 -19.78 3.98
C GLU B 95 0.06 -19.26 5.11
N ARG B 96 -0.13 -18.01 5.50
CA ARG B 96 0.69 -17.47 6.58
C ARG B 96 0.35 -18.07 7.94
N TYR B 97 -0.77 -18.77 8.03
CA TYR B 97 -1.27 -19.28 9.30
C TYR B 97 -1.31 -20.80 9.38
N THR B 98 -1.48 -21.46 8.23
CA THR B 98 -1.43 -22.93 8.16
C THR B 98 -1.11 -23.30 6.73
N LYS B 99 -0.53 -24.48 6.53
CA LYS B 99 -0.33 -25.02 5.19
C LYS B 99 -1.42 -26.01 4.79
N LYS B 100 -2.34 -26.33 5.71
CA LYS B 100 -3.30 -27.39 5.48
C LYS B 100 -4.45 -26.99 4.55
N LEU B 101 -4.87 -25.72 4.63
CA LEU B 101 -6.01 -25.26 3.87
C LEU B 101 -5.73 -25.11 2.38
N GLN B 102 -4.44 -25.13 2.01
CA GLN B 102 -4.03 -25.23 0.61
C GLN B 102 -4.67 -26.41 -0.12
N LEU B 103 -5.08 -27.44 0.62
CA LEU B 103 -5.82 -28.55 0.05
C LEU B 103 -6.95 -28.05 -0.88
N PHE B 104 -7.66 -27.01 -0.46
CA PHE B 104 -8.82 -26.57 -1.20
C PHE B 104 -8.49 -25.95 -2.56
N ASP B 105 -7.22 -25.62 -2.77
CA ASP B 105 -6.76 -25.07 -4.04
C ASP B 105 -6.34 -26.14 -5.06
N LEU B 106 -6.21 -27.40 -4.64
CA LEU B 106 -5.66 -28.41 -5.54
C LEU B 106 -6.59 -28.59 -6.72
N PRO B 107 -6.04 -28.49 -7.93
CA PRO B 107 -6.93 -28.51 -9.10
C PRO B 107 -7.56 -29.90 -9.28
N PHE B 108 -8.85 -29.91 -9.58
CA PHE B 108 -9.62 -31.11 -9.84
C PHE B 108 -9.69 -32.07 -8.65
N LEU B 109 -9.51 -31.55 -7.44
CA LEU B 109 -9.60 -32.41 -6.25
C LEU B 109 -11.04 -32.88 -6.03
N PHE B 110 -11.97 -31.93 -6.08
CA PHE B 110 -13.37 -32.21 -5.83
C PHE B 110 -14.14 -32.17 -7.13
N LYS B 111 -14.99 -33.17 -7.35
CA LYS B 111 -15.77 -33.19 -8.58
C LYS B 111 -16.86 -32.12 -8.61
N ASP B 112 -17.45 -31.85 -7.44
CA ASP B 112 -18.59 -30.96 -7.33
C ASP B 112 -18.76 -30.50 -5.89
N ASP B 114 -21.12 -31.11 -3.73
CA ASP B 114 -21.51 -32.16 -2.81
C ASP B 114 -20.29 -32.82 -2.17
N ALA B 115 -19.26 -33.09 -2.95
CA ALA B 115 -18.02 -33.65 -2.42
C ALA B 115 -17.34 -32.64 -1.49
N VAL B 116 -17.26 -31.39 -1.90
CA VAL B 116 -16.66 -30.35 -1.05
C VAL B 116 -17.32 -30.37 0.34
N ASN B 117 -18.65 -30.35 0.36
CA ASN B 117 -19.36 -30.33 1.61
C ASN B 117 -19.11 -31.59 2.45
N ARG B 118 -19.14 -32.74 1.80
CA ARG B 118 -18.89 -34.00 2.49
C ARG B 118 -17.51 -33.98 3.16
N PHE B 119 -16.50 -33.48 2.47
CA PHE B 119 -15.19 -33.37 3.09
C PHE B 119 -15.23 -32.37 4.24
N GLN B 120 -15.78 -31.19 4.01
CA GLN B 120 -15.79 -30.17 5.05
C GLN B 120 -16.49 -30.64 6.33
N GLN B 121 -17.53 -31.45 6.17
CA GLN B 121 -18.33 -31.89 7.32
C GLN B 121 -17.79 -33.16 7.97
N SER B 122 -16.78 -33.76 7.38
CA SER B 122 -16.16 -34.93 7.98
C SER B 122 -15.35 -34.50 9.19
N ASP B 123 -14.94 -35.45 10.01
N ASP B 123 -14.92 -35.45 10.01
CA ASP B 123 -14.17 -35.12 11.20
CA ASP B 123 -14.18 -35.07 11.21
C ASP B 123 -12.89 -34.37 10.83
C ASP B 123 -12.85 -34.38 10.87
N ALA B 124 -12.17 -34.84 9.83
CA ALA B 124 -10.93 -34.20 9.41
C ALA B 124 -11.20 -32.78 8.91
N GLY B 125 -12.29 -32.61 8.16
CA GLY B 125 -12.65 -31.30 7.63
C GLY B 125 -12.97 -30.32 8.74
N GLN B 126 -13.72 -30.78 9.74
CA GLN B 126 -14.13 -29.91 10.83
C GLN B 126 -12.94 -29.56 11.69
N GLN B 127 -11.99 -30.48 11.83
CA GLN B 127 -10.80 -30.18 12.62
C GLN B 127 -10.01 -29.04 12.02
N LEU B 128 -10.05 -28.85 10.71
CA LEU B 128 -9.33 -27.74 10.08
C LEU B 128 -9.81 -26.36 10.53
N LEU B 129 -11.01 -26.28 11.08
CA LEU B 129 -11.48 -25.03 11.67
C LEU B 129 -10.59 -24.55 12.81
N ASN B 130 -9.88 -25.50 13.43
CA ASN B 130 -8.97 -25.21 14.55
C ASN B 130 -7.49 -25.08 14.16
N SER B 131 -7.19 -25.14 12.87
CA SER B 131 -5.83 -25.24 12.38
C SER B 131 -4.95 -24.02 12.61
N LYS B 133 -5.45 -21.77 15.44
CA LYS B 133 -5.66 -21.22 16.79
C LYS B 133 -4.36 -20.78 17.45
N ARG B 134 -3.25 -21.40 17.11
CA ARG B 134 -1.97 -21.06 17.73
C ARG B 134 -1.53 -19.63 17.47
N LYS B 135 -1.97 -19.07 16.35
CA LYS B 135 -1.63 -17.70 16.00
C LYS B 135 -2.77 -16.74 16.30
N GLY B 136 -3.85 -17.24 16.90
CA GLY B 136 -4.96 -16.39 17.30
C GLY B 136 -6.23 -16.44 16.47
N VAL B 137 -6.23 -17.24 15.40
CA VAL B 137 -7.35 -17.26 14.45
C VAL B 137 -8.29 -18.41 14.77
N VAL B 138 -9.54 -18.08 15.05
CA VAL B 138 -10.58 -19.04 15.40
C VAL B 138 -11.51 -19.29 14.20
N GLY B 139 -11.54 -20.52 13.70
CA GLY B 139 -12.42 -20.87 12.60
C GLY B 139 -13.79 -21.23 13.13
N LEU B 140 -14.81 -20.59 12.56
CA LEU B 140 -16.21 -20.73 13.02
C LEU B 140 -17.11 -21.53 12.07
N GLY B 141 -16.75 -21.59 10.79
CA GLY B 141 -17.51 -22.39 9.84
C GLY B 141 -17.01 -22.24 8.43
N TYR B 142 -17.33 -23.20 7.58
CA TYR B 142 -17.16 -23.08 6.14
C TYR B 142 -18.39 -22.44 5.52
N LEU B 143 -18.16 -21.58 4.54
CA LEU B 143 -19.25 -21.00 3.73
C LEU B 143 -18.96 -21.25 2.26
N HIS B 144 -19.95 -21.74 1.54
CA HIS B 144 -19.76 -22.02 0.12
C HIS B 144 -19.81 -20.80 -0.80
N ASN B 145 -19.03 -20.86 -1.88
CA ASN B 145 -19.32 -20.03 -3.06
C ASN B 145 -19.64 -20.96 -4.23
N GLY B 146 -18.63 -21.62 -4.80
CA GLY B 146 -18.90 -22.51 -5.91
C GLY B 146 -17.65 -22.99 -6.61
N LYS B 148 -14.91 -23.02 -9.60
CA LYS B 148 -14.25 -22.02 -10.41
C LYS B 148 -14.27 -22.36 -11.90
N GLN B 149 -14.33 -21.31 -12.72
CA GLN B 149 -14.32 -21.38 -14.18
C GLN B 149 -13.19 -20.49 -14.65
N PHE B 150 -12.53 -20.89 -15.74
CA PHE B 150 -11.50 -20.06 -16.36
C PHE B 150 -12.15 -18.98 -17.24
N SER B 151 -11.49 -17.84 -17.35
CA SER B 151 -11.81 -16.89 -18.40
C SER B 151 -10.52 -16.26 -18.92
N ALA B 152 -10.60 -15.70 -20.13
CA ALA B 152 -9.51 -14.91 -20.68
C ALA B 152 -10.04 -14.04 -21.82
N SER B 153 -9.13 -13.27 -22.40
CA SER B 153 -9.45 -12.51 -23.62
C SER B 153 -9.29 -13.30 -24.92
N SER B 154 -9.19 -14.62 -24.81
CA SER B 154 -9.06 -15.54 -25.92
C SER B 154 -9.61 -16.89 -25.45
N PRO B 155 -10.01 -17.76 -26.37
CA PRO B 155 -10.58 -19.06 -25.99
C PRO B 155 -9.64 -19.98 -25.22
N LEU B 156 -10.21 -20.69 -24.26
CA LEU B 156 -9.48 -21.68 -23.47
C LEU B 156 -10.12 -23.06 -23.59
N VAL B 157 -9.71 -23.80 -24.61
CA VAL B 157 -10.31 -25.11 -24.89
C VAL B 157 -9.42 -26.24 -24.42
N LEU B 158 -8.15 -26.17 -24.82
CA LEU B 158 -7.14 -27.13 -24.39
C LEU B 158 -6.07 -26.38 -23.62
N PRO B 159 -5.32 -27.10 -22.77
CA PRO B 159 -4.31 -26.43 -21.92
C PRO B 159 -3.32 -25.58 -22.74
N GLU B 160 -2.99 -26.01 -23.95
CA GLU B 160 -2.09 -25.25 -24.82
C GLU B 160 -2.58 -23.81 -25.06
N ASP B 161 -3.89 -23.60 -24.95
CA ASP B 161 -4.47 -22.30 -25.19
C ASP B 161 -4.10 -21.29 -24.09
N ALA B 162 -3.61 -21.79 -22.95
CA ALA B 162 -3.21 -20.91 -21.86
C ALA B 162 -1.77 -20.44 -21.97
N GLN B 163 -1.03 -20.99 -22.91
CA GLN B 163 0.43 -20.73 -22.94
C GLN B 163 0.75 -19.26 -23.09
N GLY B 164 1.60 -18.76 -22.20
CA GLY B 164 2.06 -17.37 -22.26
C GLY B 164 1.08 -16.33 -21.74
N LYS B 165 -0.10 -16.74 -21.33
CA LYS B 165 -1.11 -15.80 -20.89
C LYS B 165 -0.91 -15.49 -19.40
N LYS B 166 -1.14 -14.23 -19.02
CA LYS B 166 -1.07 -13.83 -17.61
C LYS B 166 -2.44 -14.02 -16.94
N PHE B 167 -2.50 -14.81 -15.88
CA PHE B 167 -3.75 -15.00 -15.13
C PHE B 167 -3.60 -14.42 -13.75
N ARG B 168 -4.53 -13.55 -13.35
CA ARG B 168 -4.59 -13.15 -11.95
C ARG B 168 -4.98 -14.38 -11.14
N ILE B 169 -4.37 -14.52 -9.97
CA ILE B 169 -4.79 -15.48 -8.96
C ILE B 169 -4.91 -14.84 -7.60
N ALA B 171 -3.86 -15.01 -3.67
CA ALA B 171 -2.50 -15.13 -3.16
C ALA B 171 -2.30 -16.54 -2.63
N SER B 172 -1.94 -17.44 -3.54
CA SER B 172 -1.82 -18.87 -3.25
C SER B 172 -0.69 -19.48 -4.09
N ASP B 173 0.26 -20.14 -3.44
CA ASP B 173 1.29 -20.85 -4.16
C ASP B 173 0.76 -22.06 -4.94
N VAL B 174 -0.31 -22.70 -4.44
CA VAL B 174 -0.92 -23.79 -5.19
C VAL B 174 -1.51 -23.29 -6.50
N LEU B 175 -2.20 -22.16 -6.46
CA LEU B 175 -2.79 -21.63 -7.68
C LEU B 175 -1.71 -21.17 -8.66
N ALA B 176 -0.59 -20.65 -8.14
CA ALA B 176 0.50 -20.27 -9.02
C ALA B 176 1.04 -21.51 -9.73
N ALA B 177 1.21 -22.61 -8.98
CA ALA B 177 1.69 -23.86 -9.58
C ALA B 177 0.71 -24.40 -10.63
N GLN B 178 -0.59 -24.26 -10.35
CA GLN B 178 -1.64 -24.71 -11.29
C GLN B 178 -1.47 -24.06 -12.64
N PHE B 179 -1.26 -22.74 -12.65
CA PHE B 179 -1.12 -22.05 -13.94
C PHE B 179 0.24 -22.28 -14.58
N GLN B 180 1.29 -22.38 -13.77
CA GLN B 180 2.60 -22.75 -14.31
C GLN B 180 2.53 -24.10 -15.06
N ALA B 181 1.71 -25.02 -14.55
CA ALA B 181 1.61 -26.34 -15.15
C ALA B 181 1.00 -26.31 -16.55
N VAL B 182 0.27 -25.25 -16.91
CA VAL B 182 -0.23 -25.10 -18.27
C VAL B 182 0.52 -23.99 -19.01
N GLU B 183 1.72 -23.70 -18.55
CA GLU B 183 2.64 -22.76 -19.22
C GLU B 183 2.07 -21.35 -19.28
N ALA B 184 1.27 -21.02 -18.27
CA ALA B 184 0.74 -19.66 -18.08
C ALA B 184 1.50 -18.96 -16.94
N ILE B 185 1.25 -17.66 -16.81
CA ILE B 185 2.01 -16.79 -15.91
C ILE B 185 1.08 -16.27 -14.84
N PRO B 186 1.16 -16.84 -13.63
CA PRO B 186 0.24 -16.41 -12.57
C PRO B 186 0.73 -15.15 -11.89
N VAL B 187 -0.22 -14.26 -11.59
CA VAL B 187 0.07 -12.99 -10.95
C VAL B 187 -0.86 -12.84 -9.75
N LYS B 188 -0.28 -12.80 -8.55
CA LYS B 188 -1.08 -12.66 -7.32
C LYS B 188 -1.51 -11.21 -7.13
N LYS B 189 -2.83 -10.97 -7.07
CA LYS B 189 -3.35 -9.63 -6.86
C LYS B 189 -4.61 -9.69 -6.02
N PRO B 190 -4.86 -8.66 -5.21
CA PRO B 190 -6.11 -8.58 -4.44
C PRO B 190 -7.33 -8.51 -5.33
N PHE B 191 -8.43 -9.04 -4.83
CA PHE B 191 -9.68 -9.12 -5.56
C PHE B 191 -10.13 -7.74 -6.07
N SER B 192 -9.90 -6.71 -5.28
CA SER B 192 -10.35 -5.38 -5.64
C SER B 192 -9.71 -4.87 -6.92
N GLU B 193 -8.56 -5.42 -7.30
CA GLU B 193 -7.79 -4.91 -8.46
C GLU B 193 -8.14 -5.63 -9.77
N VAL B 194 -8.88 -6.71 -9.71
CA VAL B 194 -9.00 -7.61 -10.84
C VAL B 194 -9.69 -6.97 -12.05
N PHE B 195 -10.85 -6.34 -11.85
CA PHE B 195 -11.60 -5.82 -12.98
C PHE B 195 -10.75 -4.92 -13.87
N THR B 196 -10.04 -3.98 -13.25
CA THR B 196 -9.31 -3.00 -14.04
C THR B 196 -8.05 -3.60 -14.66
N LEU B 197 -7.44 -4.56 -13.99
CA LEU B 197 -6.29 -5.27 -14.56
C LEU B 197 -6.71 -6.01 -15.84
N LEU B 198 -7.90 -6.60 -15.82
CA LEU B 198 -8.43 -7.27 -17.01
C LEU B 198 -8.81 -6.27 -18.10
N GLN B 199 -9.48 -5.18 -17.72
CA GLN B 199 -9.99 -4.22 -18.71
C GLN B 199 -8.84 -3.60 -19.50
N THR B 200 -7.77 -3.25 -18.77
CA THR B 200 -6.60 -2.62 -19.37
C THR B 200 -5.72 -3.61 -20.12
N ARG B 201 -6.02 -4.91 -19.97
CA ARG B 201 -5.24 -6.00 -20.59
C ARG B 201 -3.84 -6.12 -19.98
N ALA B 202 -3.65 -5.59 -18.79
CA ALA B 202 -2.43 -5.85 -18.06
C ALA B 202 -2.36 -7.32 -17.66
N ILE B 203 -3.55 -7.91 -17.46
CA ILE B 203 -3.71 -9.34 -17.20
C ILE B 203 -4.68 -9.87 -18.25
N ASP B 204 -4.45 -11.11 -18.71
CA ASP B 204 -5.25 -11.71 -19.77
C ASP B 204 -6.46 -12.48 -19.28
N GLY B 205 -6.35 -13.11 -18.12
CA GLY B 205 -7.37 -14.03 -17.67
C GLY B 205 -7.41 -14.18 -16.17
N GLN B 206 -8.36 -15.00 -15.73
CA GLN B 206 -8.57 -15.24 -14.31
C GLN B 206 -9.38 -16.51 -14.11
N GLU B 207 -9.68 -16.84 -12.86
CA GLU B 207 -10.53 -17.98 -12.53
C GLU B 207 -11.45 -17.56 -11.41
N ASN B 208 -12.72 -17.90 -11.54
CA ASN B 208 -13.67 -17.58 -10.47
C ASN B 208 -15.00 -18.26 -10.64
N THR B 209 -15.84 -18.11 -9.63
CA THR B 209 -17.17 -18.69 -9.65
C THR B 209 -18.07 -17.84 -10.52
N TRP B 210 -19.18 -18.42 -10.97
CA TRP B 210 -20.15 -17.63 -11.72
C TRP B 210 -20.58 -16.39 -10.95
N SER B 211 -20.80 -16.55 -9.64
CA SER B 211 -21.26 -15.44 -8.82
C SER B 211 -20.29 -14.26 -8.85
N ASN B 212 -18.99 -14.53 -8.72
CA ASN B 212 -18.01 -13.45 -8.81
C ASN B 212 -17.85 -12.90 -10.22
N ILE B 213 -17.83 -13.76 -11.22
CA ILE B 213 -17.73 -13.32 -12.60
C ILE B 213 -18.89 -12.37 -12.93
N TYR B 214 -20.09 -12.72 -12.48
CA TYR B 214 -21.26 -11.91 -12.78
C TYR B 214 -21.26 -10.62 -11.95
N SER B 215 -21.16 -10.75 -10.64
CA SER B 215 -21.30 -9.58 -9.77
C SER B 215 -20.21 -8.55 -9.98
N LYS B 216 -19.03 -9.01 -10.39
CA LYS B 216 -17.91 -8.09 -10.66
C LYS B 216 -17.80 -7.71 -12.12
N LYS B 217 -18.71 -8.23 -12.96
CA LYS B 217 -18.72 -7.90 -14.38
C LYS B 217 -17.43 -8.29 -15.09
N PHE B 218 -16.80 -9.37 -14.64
CA PHE B 218 -15.60 -9.84 -15.32
C PHE B 218 -15.95 -10.27 -16.76
N TYR B 219 -17.19 -10.70 -16.96
CA TYR B 219 -17.65 -11.10 -18.30
C TYR B 219 -17.69 -9.93 -19.28
N GLU B 220 -17.75 -8.70 -18.78
CA GLU B 220 -17.70 -7.52 -19.66
C GLU B 220 -16.28 -7.20 -20.12
N VAL B 221 -15.27 -7.85 -19.52
CA VAL B 221 -13.87 -7.57 -19.83
C VAL B 221 -13.09 -8.86 -20.12
N GLN B 222 -13.84 -9.93 -20.39
CA GLN B 222 -13.30 -11.23 -20.73
C GLN B 222 -14.20 -11.81 -21.82
N SER B 223 -13.66 -11.88 -23.03
CA SER B 223 -14.41 -12.37 -24.19
C SER B 223 -14.74 -13.85 -24.17
N ASN B 224 -14.05 -14.61 -23.33
CA ASN B 224 -14.17 -16.05 -23.31
C ASN B 224 -14.18 -16.60 -21.89
N ILE B 225 -15.12 -17.50 -21.62
CA ILE B 225 -15.20 -18.23 -20.36
C ILE B 225 -15.33 -19.69 -20.70
N THR B 226 -14.67 -20.55 -19.93
CA THR B 226 -14.82 -21.99 -20.06
C THR B 226 -15.39 -22.58 -18.79
N GLU B 227 -16.44 -23.40 -18.93
CA GLU B 227 -17.01 -24.09 -17.78
C GLU B 227 -16.11 -25.30 -17.51
N SER B 228 -15.08 -25.02 -16.72
CA SER B 228 -14.04 -25.97 -16.39
C SER B 228 -14.22 -26.68 -15.04
N ASN B 229 -14.94 -26.03 -14.12
CA ASN B 229 -15.15 -26.58 -12.79
C ASN B 229 -13.85 -27.17 -12.19
N HIS B 230 -12.76 -26.42 -12.33
CA HIS B 230 -11.44 -27.01 -12.11
C HIS B 230 -10.92 -26.86 -10.69
N GLY B 231 -11.65 -26.12 -9.85
CA GLY B 231 -11.31 -26.04 -8.44
C GLY B 231 -12.48 -25.46 -7.70
N VAL B 232 -12.39 -25.41 -6.38
CA VAL B 232 -13.44 -24.85 -5.54
C VAL B 232 -13.00 -23.52 -4.93
N LEU B 233 -13.93 -22.58 -4.85
CA LEU B 233 -13.74 -21.34 -4.09
C LEU B 233 -14.77 -21.34 -2.97
N ASP B 234 -14.31 -21.65 -1.76
CA ASP B 234 -15.12 -21.63 -0.55
C ASP B 234 -14.37 -20.78 0.46
N TYR B 235 -15.05 -20.47 1.55
CA TYR B 235 -14.52 -19.58 2.59
C TYR B 235 -14.48 -20.26 3.95
N VAL B 237 -15.21 -18.66 7.68
CA VAL B 237 -15.54 -17.54 8.51
C VAL B 237 -14.69 -17.64 9.76
N VAL B 238 -13.93 -16.59 10.07
CA VAL B 238 -13.03 -16.61 11.23
C VAL B 238 -13.19 -15.37 12.10
N THR B 239 -12.79 -15.53 13.36
CA THR B 239 -12.67 -14.41 14.29
C THR B 239 -11.34 -14.55 15.01
N SER B 240 -11.06 -13.64 15.93
CA SER B 240 -9.86 -13.72 16.74
C SER B 240 -10.19 -14.31 18.09
N ASN B 241 -9.20 -14.92 18.71
N ASN B 241 -9.21 -14.88 18.75
CA ASN B 241 -9.32 -15.32 20.10
CA ASN B 241 -9.46 -15.32 20.12
C ASN B 241 -9.74 -14.12 20.94
C ASN B 241 -9.71 -14.12 21.04
N THR B 242 -9.10 -12.98 20.72
CA THR B 242 -9.34 -11.78 21.51
C THR B 242 -10.84 -11.46 21.51
N PHE B 243 -11.46 -11.39 20.33
CA PHE B 243 -12.88 -11.06 20.31
C PHE B 243 -13.76 -12.17 20.88
N TRP B 244 -13.52 -13.40 20.45
CA TRP B 244 -14.41 -14.49 20.80
C TRP B 244 -14.43 -14.71 22.31
N LYS B 245 -13.26 -14.62 22.94
CA LYS B 245 -13.16 -14.78 24.39
C LYS B 245 -13.75 -13.58 25.15
N SER B 246 -13.83 -12.42 24.50
CA SER B 246 -14.34 -11.22 25.16
C SER B 246 -15.82 -11.29 25.43
N LEU B 247 -16.53 -12.16 24.69
CA LEU B 247 -17.97 -12.26 24.84
C LEU B 247 -18.33 -13.09 26.06
N PRO B 248 -19.38 -12.67 26.78
CA PRO B 248 -19.92 -13.57 27.80
C PRO B 248 -20.38 -14.85 27.13
N ALA B 249 -20.32 -15.97 27.83
CA ALA B 249 -20.65 -17.27 27.24
C ALA B 249 -22.06 -17.31 26.65
N ASP B 250 -23.05 -16.76 27.34
CA ASP B 250 -24.41 -16.82 26.83
C ASP B 250 -24.58 -16.01 25.53
N LYS B 251 -23.92 -14.86 25.44
CA LYS B 251 -24.00 -14.06 24.23
C LYS B 251 -23.23 -14.70 23.10
N ARG B 252 -22.10 -15.31 23.42
CA ARG B 252 -21.33 -16.01 22.41
C ARG B 252 -22.19 -17.12 21.78
N LYS B 253 -22.93 -17.84 22.61
CA LYS B 253 -23.78 -18.91 22.12
C LYS B 253 -24.80 -18.40 21.10
N VAL B 254 -25.42 -17.26 21.41
CA VAL B 254 -26.43 -16.68 20.52
C VAL B 254 -25.77 -16.18 19.23
N ILE B 255 -24.64 -15.50 19.37
CA ILE B 255 -23.92 -15.00 18.20
C ILE B 255 -23.45 -16.17 17.31
N LYS B 256 -22.97 -17.25 17.92
CA LYS B 256 -22.53 -18.40 17.12
C LYS B 256 -23.74 -19.05 16.41
N ALA B 257 -24.87 -19.14 17.10
CA ALA B 257 -26.08 -19.72 16.48
C ALA B 257 -26.51 -18.87 15.30
N SER B 258 -26.44 -17.56 15.48
CA SER B 258 -26.79 -16.62 14.44
C SER B 258 -25.87 -16.77 13.24
N LEU B 259 -24.58 -16.91 13.50
CA LEU B 259 -23.61 -17.08 12.44
C LEU B 259 -23.90 -18.37 11.70
N ASP B 260 -24.17 -19.44 12.45
CA ASP B 260 -24.41 -20.74 11.82
C ASP B 260 -25.61 -20.63 10.88
N GLU B 261 -26.66 -19.97 11.33
CA GLU B 261 -27.86 -19.83 10.51
C GLU B 261 -27.59 -18.94 9.30
N ALA B 262 -26.81 -17.88 9.49
CA ALA B 262 -26.42 -17.01 8.37
C ALA B 262 -25.59 -17.77 7.32
N ILE B 263 -24.73 -18.67 7.77
CA ILE B 263 -23.95 -19.51 6.85
C ILE B 263 -24.88 -20.46 6.08
N ALA B 264 -25.84 -21.08 6.76
CA ALA B 264 -26.82 -21.94 6.08
C ALA B 264 -27.57 -21.14 5.00
N TYR B 265 -27.95 -19.91 5.33
CA TYR B 265 -28.62 -19.00 4.41
C TYR B 265 -27.71 -18.68 3.22
N GLY B 266 -26.47 -18.33 3.53
CA GLY B 266 -25.49 -18.04 2.49
C GLY B 266 -25.24 -19.22 1.56
N ASN B 267 -25.27 -20.43 2.11
CA ASN B 267 -25.08 -21.62 1.30
C ASN B 267 -26.24 -21.83 0.33
N GLU B 268 -27.46 -21.52 0.77
CA GLU B 268 -28.61 -21.59 -0.13
C GLU B 268 -28.45 -20.58 -1.25
N ILE B 269 -27.99 -19.38 -0.90
CA ILE B 269 -27.77 -18.33 -1.90
C ILE B 269 -26.69 -18.79 -2.88
N ALA B 270 -25.60 -19.38 -2.37
CA ALA B 270 -24.53 -19.84 -3.24
C ALA B 270 -25.05 -20.86 -4.27
N ALA B 271 -25.86 -21.80 -3.83
CA ALA B 271 -26.38 -22.82 -4.74
C ALA B 271 -27.30 -22.19 -5.79
N ALA B 272 -28.10 -21.23 -5.39
CA ALA B 272 -29.01 -20.57 -6.33
C ALA B 272 -28.27 -19.71 -7.35
N LYS B 273 -27.20 -19.04 -6.92
CA LYS B 273 -26.47 -18.14 -7.80
C LYS B 273 -25.77 -18.88 -8.95
N VAL B 274 -25.40 -20.14 -8.72
CA VAL B 274 -24.71 -20.90 -9.75
C VAL B 274 -25.45 -20.85 -11.09
N ASN B 275 -26.70 -21.29 -11.13
CA ASN B 275 -27.38 -21.27 -12.42
C ASN B 275 -27.88 -19.89 -12.83
N LYS B 276 -28.28 -19.09 -11.86
CA LYS B 276 -28.83 -17.78 -12.19
C LYS B 276 -27.77 -16.86 -12.80
N ASP B 277 -26.61 -16.82 -12.16
CA ASP B 277 -25.56 -15.94 -12.64
C ASP B 277 -24.87 -16.49 -13.90
N LYS B 278 -24.71 -17.82 -14.00
CA LYS B 278 -24.25 -18.41 -15.25
C LYS B 278 -25.19 -17.98 -16.39
N GLN B 279 -26.50 -18.09 -16.16
CA GLN B 279 -27.45 -17.76 -17.21
C GLN B 279 -27.39 -16.26 -17.57
N ALA B 280 -27.24 -15.41 -16.57
CA ALA B 280 -27.17 -13.98 -16.85
C ALA B 280 -25.94 -13.62 -17.66
N ILE B 281 -24.84 -14.29 -17.38
CA ILE B 281 -23.62 -14.09 -18.14
C ILE B 281 -23.84 -14.47 -19.60
N ILE B 282 -24.40 -15.66 -19.81
CA ILE B 282 -24.68 -16.13 -21.16
C ILE B 282 -25.60 -15.17 -21.90
N ASP B 283 -26.65 -14.74 -21.20
CA ASP B 283 -27.69 -13.94 -21.84
C ASP B 283 -27.21 -12.53 -22.19
N SER B 284 -26.16 -12.06 -21.54
CA SER B 284 -25.62 -10.73 -21.86
C SER B 284 -25.04 -10.65 -23.27
N LYS B 285 -24.62 -11.80 -23.79
CA LYS B 285 -23.92 -11.89 -25.09
C LYS B 285 -22.62 -11.11 -25.13
N ARG B 286 -22.05 -10.80 -23.98
CA ARG B 286 -20.78 -10.11 -23.95
C ARG B 286 -19.59 -11.07 -23.97
N SER B 287 -19.83 -12.34 -23.67
CA SER B 287 -18.76 -13.32 -23.52
C SER B 287 -19.21 -14.67 -24.04
N GLU B 288 -18.29 -15.41 -24.62
CA GLU B 288 -18.64 -16.71 -25.14
C GLU B 288 -18.29 -17.76 -24.12
N VAL B 289 -19.29 -18.50 -23.66
CA VAL B 289 -19.07 -19.60 -22.72
C VAL B 289 -18.88 -20.89 -23.48
N THR B 290 -17.72 -21.50 -23.26
CA THR B 290 -17.35 -22.74 -23.96
C THR B 290 -17.51 -23.93 -23.03
N TYR B 291 -18.05 -25.03 -23.56
CA TYR B 291 -18.21 -26.27 -22.84
C TYR B 291 -17.22 -27.30 -23.36
N LEU B 292 -16.63 -28.05 -22.44
CA LEU B 292 -15.61 -29.03 -22.76
C LEU B 292 -16.19 -30.44 -22.86
N THR B 293 -15.70 -31.22 -23.81
CA THR B 293 -15.95 -32.65 -23.81
C THR B 293 -15.15 -33.30 -22.69
N PRO B 294 -15.54 -34.53 -22.32
CA PRO B 294 -14.72 -35.25 -21.33
C PRO B 294 -13.24 -35.34 -21.74
N GLU B 295 -12.99 -35.51 -23.03
CA GLU B 295 -11.62 -35.65 -23.52
C GLU B 295 -10.86 -34.34 -23.33
N GLN B 296 -11.51 -33.23 -23.61
CA GLN B 296 -10.88 -31.94 -23.45
C GLN B 296 -10.61 -31.70 -21.95
N ARG B 297 -11.59 -32.00 -21.08
N ARG B 297 -11.58 -32.01 -21.08
CA ARG B 297 -11.39 -31.86 -19.64
CA ARG B 297 -11.39 -31.83 -19.65
C ARG B 297 -10.19 -32.66 -19.16
C ARG B 297 -10.24 -32.68 -19.10
N ALA B 298 -10.11 -33.90 -19.63
CA ALA B 298 -9.04 -34.80 -19.22
C ALA B 298 -7.66 -34.23 -19.53
N ALA B 299 -7.55 -33.45 -20.60
CA ALA B 299 -6.28 -32.83 -20.93
C ALA B 299 -5.87 -31.84 -19.84
N TRP B 300 -6.82 -31.04 -19.37
CA TRP B 300 -6.54 -30.11 -18.28
C TRP B 300 -6.20 -30.85 -16.99
N VAL B 301 -6.96 -31.89 -16.68
CA VAL B 301 -6.69 -32.69 -15.50
C VAL B 301 -5.27 -33.26 -15.54
N ASN B 302 -4.91 -33.84 -16.68
N ASN B 302 -4.90 -33.82 -16.68
CA ASN B 302 -3.60 -34.45 -16.83
CA ASN B 302 -3.61 -34.46 -16.83
C ASN B 302 -2.48 -33.44 -16.66
C ASN B 302 -2.46 -33.46 -16.72
N ALA B 303 -2.70 -32.23 -17.17
CA ALA B 303 -1.69 -31.19 -17.05
C ALA B 303 -1.54 -30.65 -15.61
N LYS B 305 -3.14 -31.89 -12.45
CA LYS B 305 -3.15 -32.75 -11.26
C LYS B 305 -1.73 -33.05 -10.74
N PRO B 306 -0.73 -33.04 -11.63
CA PRO B 306 0.66 -33.22 -11.16
C PRO B 306 1.16 -32.21 -10.12
N VAL B 307 0.51 -31.06 -10.00
CA VAL B 307 0.96 -30.09 -9.02
C VAL B 307 0.67 -30.54 -7.58
N TRP B 308 -0.20 -31.54 -7.40
CA TRP B 308 -0.52 -31.92 -6.03
C TRP B 308 0.73 -32.44 -5.30
N ALA B 309 1.58 -33.19 -6.01
CA ALA B 309 2.77 -33.76 -5.38
C ALA B 309 3.71 -32.68 -4.82
N GLN B 310 3.70 -31.49 -5.41
CA GLN B 310 4.52 -30.39 -4.89
C GLN B 310 4.14 -29.98 -3.48
N PHE B 311 2.87 -30.20 -3.11
CA PHE B 311 2.34 -29.67 -1.86
C PHE B 311 1.87 -30.72 -0.87
N GLU B 312 1.85 -31.98 -1.29
CA GLU B 312 1.16 -32.99 -0.50
C GLU B 312 1.77 -33.21 0.87
N ASP B 313 3.09 -33.10 0.99
CA ASP B 313 3.74 -33.35 2.28
C ASP B 313 3.38 -32.29 3.33
N LYS B 314 3.35 -31.03 2.93
CA LYS B 314 3.03 -29.96 3.84
C LYS B 314 1.54 -29.88 4.10
N ILE B 315 0.73 -30.23 3.11
CA ILE B 315 -0.70 -30.22 3.32
C ILE B 315 -1.09 -31.34 4.29
N GLY B 316 -0.52 -32.51 4.04
CA GLY B 316 -0.87 -33.73 4.75
C GLY B 316 -1.54 -34.71 3.80
N LYS B 317 -0.87 -35.82 3.49
CA LYS B 317 -1.39 -36.76 2.51
C LYS B 317 -2.69 -37.38 2.96
N ASP B 318 -2.84 -37.62 4.26
CA ASP B 318 -4.07 -38.23 4.75
C ASP B 318 -5.27 -37.30 4.56
N LEU B 319 -5.06 -36.00 4.69
CA LEU B 319 -6.09 -35.02 4.40
C LEU B 319 -6.50 -35.07 2.95
N ILE B 320 -5.52 -35.11 2.06
CA ILE B 320 -5.82 -35.18 0.64
C ILE B 320 -6.55 -36.48 0.31
N ASP B 321 -6.14 -37.58 0.92
CA ASP B 321 -6.80 -38.86 0.66
C ASP B 321 -8.28 -38.80 1.06
N ALA B 322 -8.57 -38.13 2.16
CA ALA B 322 -9.94 -37.98 2.61
C ALA B 322 -10.74 -37.11 1.65
N ALA B 323 -10.14 -36.04 1.16
CA ALA B 323 -10.81 -35.16 0.21
C ALA B 323 -11.12 -35.90 -1.10
N VAL B 324 -10.17 -36.69 -1.59
CA VAL B 324 -10.43 -37.51 -2.75
C VAL B 324 -11.59 -38.47 -2.50
N ALA B 325 -11.58 -39.11 -1.33
CA ALA B 325 -12.63 -40.03 -0.93
C ALA B 325 -14.02 -39.41 -0.88
N SER B 326 -14.08 -38.08 -0.68
CA SER B 326 -15.37 -37.39 -0.57
C SER B 326 -16.13 -37.39 -1.89
N ASN B 327 -15.44 -37.70 -2.99
CA ASN B 327 -16.10 -37.77 -4.30
C ASN B 327 -17.00 -38.98 -4.47
N GLU B 328 -16.72 -40.01 -3.68
CA GLU B 328 -17.59 -41.19 -3.48
C GLU B 328 -17.13 -42.38 -4.33
N ALA C 24 -11.98 -2.20 -36.89
CA ALA C 24 -12.37 -2.05 -35.49
C ALA C 24 -12.27 -0.59 -35.06
N PRO C 25 -13.29 -0.11 -34.34
CA PRO C 25 -13.17 1.28 -33.87
C PRO C 25 -12.11 1.44 -32.79
N THR C 26 -11.51 2.62 -32.73
CA THR C 26 -10.60 2.97 -31.66
C THR C 26 -11.43 3.23 -30.40
N GLU C 27 -11.12 2.52 -29.35
CA GLU C 27 -11.90 2.61 -28.13
C GLU C 27 -11.27 3.64 -27.19
N ILE C 28 -12.09 4.54 -26.69
CA ILE C 28 -11.65 5.58 -25.76
C ILE C 28 -12.55 5.50 -24.52
N LYS C 29 -11.93 5.61 -23.34
CA LYS C 29 -12.61 5.36 -22.09
C LYS C 29 -12.95 6.63 -21.31
N PHE C 30 -14.15 6.64 -20.76
CA PHE C 30 -14.59 7.68 -19.84
C PHE C 30 -14.93 7.01 -18.51
N SER C 31 -14.24 7.36 -17.43
N SER C 31 -14.26 7.43 -17.44
CA SER C 31 -14.56 6.80 -16.13
CA SER C 31 -14.45 6.86 -16.10
C SER C 31 -14.96 7.88 -15.14
C SER C 31 -14.98 7.93 -15.15
N HIS C 32 -15.91 7.54 -14.28
CA HIS C 32 -16.34 8.45 -13.23
C HIS C 32 -16.89 7.64 -12.06
N VAL C 33 -17.21 8.36 -10.98
CA VAL C 33 -17.54 7.77 -9.69
C VAL C 33 -19.02 7.80 -9.33
N VAL C 34 -19.86 8.44 -10.13
CA VAL C 34 -21.26 8.60 -9.77
C VAL C 34 -22.19 7.57 -10.39
N ALA C 35 -23.42 7.55 -9.91
CA ALA C 35 -24.45 6.72 -10.47
C ALA C 35 -24.84 7.17 -11.88
N GLU C 36 -25.49 6.29 -12.63
CA GLU C 36 -25.84 6.61 -14.01
C GLU C 36 -26.91 7.71 -14.12
N ASN C 37 -27.87 7.69 -13.21
CA ASN C 37 -29.02 8.59 -13.32
C ASN C 37 -28.69 9.88 -12.56
N THR C 38 -27.74 10.62 -13.13
CA THR C 38 -27.18 11.85 -12.57
C THR C 38 -26.71 12.71 -13.73
N PRO C 39 -26.40 13.99 -13.47
CA PRO C 39 -25.90 14.81 -14.58
C PRO C 39 -24.62 14.27 -15.20
N LYS C 40 -23.65 13.84 -14.39
CA LYS C 40 -22.40 13.36 -14.97
C LYS C 40 -22.60 12.00 -15.64
N GLY C 41 -23.43 11.14 -15.03
CA GLY C 41 -23.71 9.84 -15.62
C GLY C 41 -24.36 9.97 -16.98
N GLN C 42 -25.32 10.90 -17.08
CA GLN C 42 -26.00 11.12 -18.35
C GLN C 42 -25.13 11.85 -19.37
N ALA C 44 -21.97 11.46 -19.69
CA ALA C 44 -20.99 10.51 -20.24
C ALA C 44 -21.67 9.61 -21.27
N LEU C 45 -22.88 9.17 -20.96
CA LEU C 45 -23.65 8.37 -21.89
C LEU C 45 -24.06 9.13 -23.17
N LYS C 46 -24.37 10.42 -23.04
CA LYS C 46 -24.71 11.23 -24.22
C LYS C 46 -23.46 11.44 -25.08
N PHE C 47 -22.32 11.64 -24.42
CA PHE C 47 -21.05 11.75 -25.13
C PHE C 47 -20.77 10.53 -25.98
N LYS C 48 -20.93 9.35 -25.37
CA LYS C 48 -20.80 8.09 -26.11
C LYS C 48 -21.75 8.06 -27.31
N GLN C 49 -23.01 8.41 -27.09
CA GLN C 49 -24.01 8.36 -28.15
C GLN C 49 -23.57 9.23 -29.31
N LEU C 50 -23.14 10.45 -29.02
CA LEU C 50 -22.86 11.42 -30.08
C LEU C 50 -21.59 11.06 -30.85
N VAL C 51 -20.53 10.70 -30.14
CA VAL C 51 -19.31 10.30 -30.81
C VAL C 51 -19.59 9.15 -31.78
N GLU C 52 -20.37 8.17 -31.32
CA GLU C 52 -20.60 6.97 -32.12
C GLU C 52 -21.56 7.22 -33.28
N GLU C 53 -22.42 8.22 -33.15
CA GLU C 53 -23.26 8.67 -34.27
C GLU C 53 -22.46 9.40 -35.32
N ARG C 54 -21.49 10.20 -34.87
CA ARG C 54 -20.81 11.13 -35.76
C ARG C 54 -19.55 10.54 -36.40
N LEU C 55 -18.99 9.52 -35.76
CA LEU C 55 -17.77 8.85 -36.23
C LEU C 55 -18.01 7.35 -36.17
N PRO C 56 -19.09 6.89 -36.81
CA PRO C 56 -19.52 5.49 -36.69
C PRO C 56 -18.47 4.51 -37.19
N GLY C 57 -18.12 3.56 -36.33
CA GLY C 57 -17.10 2.57 -36.65
C GLY C 57 -15.66 3.03 -36.49
N GLU C 58 -15.44 4.32 -36.23
CA GLU C 58 -14.10 4.85 -36.10
C GLU C 58 -13.71 4.99 -34.64
N TYR C 59 -14.64 5.49 -33.83
CA TYR C 59 -14.38 5.66 -32.40
C TYR C 59 -15.53 5.07 -31.60
N GLN C 60 -15.20 4.46 -30.48
CA GLN C 60 -16.20 3.91 -29.58
C GLN C 60 -15.85 4.38 -28.17
N VAL C 61 -16.84 4.89 -27.44
CA VAL C 61 -16.61 5.37 -26.09
C VAL C 61 -17.09 4.31 -25.10
N ASN C 62 -16.19 3.84 -24.24
CA ASN C 62 -16.55 2.89 -23.20
C ASN C 62 -16.67 3.66 -21.90
N VAL C 63 -17.87 3.65 -21.31
CA VAL C 63 -18.18 4.42 -20.12
C VAL C 63 -18.22 3.51 -18.89
N PHE C 64 -17.53 3.95 -17.82
CA PHE C 64 -17.41 3.18 -16.60
C PHE C 64 -17.86 4.06 -15.44
N PRO C 65 -19.12 3.90 -14.99
CA PRO C 65 -19.65 4.72 -13.90
C PRO C 65 -19.30 4.09 -12.53
N ASN C 66 -19.70 4.73 -11.45
CA ASN C 66 -19.69 4.09 -10.13
C ASN C 66 -18.30 3.57 -9.70
N SER C 67 -17.23 4.24 -10.16
CA SER C 67 -15.85 3.86 -9.82
C SER C 67 -15.52 2.43 -10.26
N GLN C 68 -16.21 1.96 -11.29
CA GLN C 68 -15.99 0.62 -11.77
C GLN C 68 -14.57 0.41 -12.27
N LEU C 69 -14.01 1.43 -12.94
CA LEU C 69 -12.68 1.31 -13.53
C LEU C 69 -11.62 2.01 -12.67
N PHE C 70 -11.83 3.30 -12.41
CA PHE C 70 -10.98 4.11 -11.55
C PHE C 70 -11.87 4.90 -10.60
N GLY C 71 -11.34 5.18 -9.40
CA GLY C 71 -12.07 5.93 -8.39
C GLY C 71 -11.41 7.27 -8.11
N ASP C 72 -11.89 7.91 -7.05
CA ASP C 72 -11.41 9.24 -6.71
C ASP C 72 -9.88 9.26 -6.59
N ASN C 73 -9.29 8.27 -5.94
CA ASN C 73 -7.90 8.43 -5.60
C ASN C 73 -6.91 8.10 -6.71
N ASN C 74 -7.32 7.33 -7.71
CA ASN C 74 -6.39 6.95 -8.76
C ASN C 74 -6.72 7.42 -10.18
N GLU C 75 -7.85 8.12 -10.36
CA GLU C 75 -8.26 8.43 -11.71
C GLU C 75 -7.37 9.44 -12.44
N LEU C 76 -6.80 10.41 -11.75
CA LEU C 76 -5.96 11.40 -12.44
C LEU C 76 -4.61 10.81 -12.87
N SER C 77 -3.99 9.98 -12.03
N SER C 77 -3.99 10.00 -12.02
CA SER C 77 -2.75 9.31 -12.43
CA SER C 77 -2.78 9.30 -12.45
C SER C 77 -3.03 8.33 -13.59
C SER C 77 -3.10 8.43 -13.67
N ALA C 78 -4.19 7.68 -13.58
CA ALA C 78 -4.60 6.81 -14.69
C ALA C 78 -4.76 7.62 -15.97
N LEU C 79 -5.30 8.81 -15.85
CA LEU C 79 -5.45 9.69 -17.00
C LEU C 79 -4.10 10.05 -17.60
N LEU C 80 -3.14 10.44 -16.77
CA LEU C 80 -1.83 10.82 -17.27
C LEU C 80 -1.02 9.65 -17.83
N LEU C 81 -1.30 8.46 -17.33
CA LEU C 81 -0.68 7.23 -17.84
C LEU C 81 -1.39 6.74 -19.11
N ASN C 82 -2.48 7.43 -19.47
CA ASN C 82 -3.35 7.07 -20.59
C ASN C 82 -3.99 5.68 -20.47
N ASP C 83 -4.27 5.29 -19.23
CA ASP C 83 -5.09 4.11 -18.95
C ASP C 83 -6.59 4.42 -18.99
N VAL C 84 -6.92 5.70 -19.09
CA VAL C 84 -8.27 6.21 -19.30
C VAL C 84 -8.09 7.53 -20.05
N GLN C 85 -9.07 7.91 -20.86
CA GLN C 85 -8.93 9.07 -21.77
C GLN C 85 -9.72 10.31 -21.32
N PHE C 86 -10.82 10.10 -20.61
CA PHE C 86 -11.60 11.19 -20.07
C PHE C 86 -12.02 10.87 -18.65
N VAL C 87 -11.85 11.85 -17.76
CA VAL C 87 -12.45 11.84 -16.43
C VAL C 87 -13.07 13.21 -16.19
N ALA C 88 -13.89 13.29 -15.14
CA ALA C 88 -14.54 14.56 -14.81
C ALA C 88 -14.68 14.72 -13.32
N PRO C 89 -13.54 14.87 -12.63
CA PRO C 89 -13.57 15.07 -11.18
C PRO C 89 -14.22 16.38 -10.77
N SER C 90 -14.74 16.37 -9.55
CA SER C 90 -15.07 17.61 -8.89
C SER C 90 -13.88 18.56 -8.93
N LEU C 91 -14.20 19.85 -9.06
CA LEU C 91 -13.22 20.91 -9.03
C LEU C 91 -12.40 20.91 -7.75
N SER C 92 -12.93 20.26 -6.71
CA SER C 92 -12.26 20.09 -5.43
C SER C 92 -11.05 19.16 -5.46
N LYS C 93 -10.91 18.37 -6.52
CA LYS C 93 -10.01 17.21 -6.49
C LYS C 93 -8.70 17.39 -7.30
N PHE C 94 -8.31 18.64 -7.54
CA PHE C 94 -7.19 18.95 -8.42
C PHE C 94 -5.95 19.56 -7.73
N GLU C 95 -5.89 19.55 -6.40
CA GLU C 95 -4.80 20.20 -5.67
C GLU C 95 -3.42 19.74 -6.10
N ARG C 96 -3.30 18.49 -6.50
CA ARG C 96 -1.98 17.97 -6.85
C ARG C 96 -1.47 18.52 -8.18
N TYR C 97 -2.35 19.21 -8.92
CA TYR C 97 -2.00 19.70 -10.26
C TYR C 97 -2.09 21.22 -10.38
N THR C 98 -2.92 21.86 -9.55
CA THR C 98 -2.98 23.31 -9.49
C THR C 98 -3.53 23.70 -8.12
N LYS C 99 -3.16 24.90 -7.66
CA LYS C 99 -3.76 25.41 -6.43
C LYS C 99 -4.93 26.37 -6.72
N LYS C 100 -5.19 26.64 -7.99
CA LYS C 100 -6.20 27.63 -8.34
C LYS C 100 -7.63 27.13 -8.24
N LEU C 101 -7.86 25.85 -8.51
CA LEU C 101 -9.23 25.36 -8.58
C LEU C 101 -9.86 25.20 -7.18
N GLN C 102 -9.03 25.27 -6.14
CA GLN C 102 -9.47 25.35 -4.75
C GLN C 102 -10.45 26.49 -4.53
N LEU C 103 -10.38 27.48 -5.41
CA LEU C 103 -11.37 28.56 -5.42
C LEU C 103 -12.77 28.03 -5.25
N PHE C 104 -13.09 26.96 -5.97
CA PHE C 104 -14.46 26.48 -6.03
C PHE C 104 -14.92 25.85 -4.72
N ASP C 105 -14.01 25.58 -3.81
CA ASP C 105 -14.36 25.03 -2.49
C ASP C 105 -14.63 26.09 -1.43
N LEU C 106 -14.31 27.35 -1.72
CA LEU C 106 -14.44 28.40 -0.72
C LEU C 106 -15.90 28.51 -0.28
N PRO C 107 -16.14 28.46 1.04
CA PRO C 107 -17.56 28.44 1.46
C PRO C 107 -18.26 29.77 1.19
N PHE C 108 -19.47 29.69 0.65
CA PHE C 108 -20.32 30.87 0.39
C PHE C 108 -19.74 31.86 -0.64
N LEU C 109 -18.83 31.37 -1.47
CA LEU C 109 -18.26 32.22 -2.53
C LEU C 109 -19.31 32.59 -3.56
N PHE C 110 -20.05 31.59 -4.04
CA PHE C 110 -21.09 31.79 -5.03
C PHE C 110 -22.44 31.68 -4.36
N LYS C 111 -23.31 32.64 -4.61
CA LYS C 111 -24.63 32.58 -3.97
C LYS C 111 -25.46 31.41 -4.49
N ASP C 112 -25.37 31.18 -5.79
CA ASP C 112 -26.19 30.20 -6.47
C ASP C 112 -25.56 29.81 -7.81
N ASP C 114 -26.43 30.47 -10.85
CA ASP C 114 -26.28 31.54 -11.85
C ASP C 114 -24.93 32.25 -11.71
N ALA C 115 -24.49 32.43 -10.47
CA ALA C 115 -23.18 33.05 -10.25
C ALA C 115 -22.08 32.08 -10.69
N VAL C 116 -22.20 30.81 -10.33
CA VAL C 116 -21.23 29.80 -10.74
C VAL C 116 -21.06 29.83 -12.26
N ASN C 117 -22.17 29.78 -12.97
CA ASN C 117 -22.09 29.78 -14.43
C ASN C 117 -21.53 31.08 -15.01
N ARG C 118 -21.93 32.22 -14.46
CA ARG C 118 -21.36 33.51 -14.88
C ARG C 118 -19.85 33.49 -14.74
N PHE C 119 -19.38 33.00 -13.59
CA PHE C 119 -17.94 32.90 -13.39
C PHE C 119 -17.27 31.96 -14.38
N GLN C 120 -17.81 30.76 -14.51
CA GLN C 120 -17.19 29.76 -15.36
C GLN C 120 -17.09 30.21 -16.82
N GLN C 121 -18.14 30.91 -17.27
CA GLN C 121 -18.21 31.31 -18.69
C GLN C 121 -17.42 32.58 -19.00
N SER C 122 -16.96 33.27 -17.97
CA SER C 122 -16.17 34.49 -18.16
C SER C 122 -14.73 34.18 -18.58
N ASP C 123 -14.00 35.22 -18.95
CA ASP C 123 -12.59 35.06 -19.23
C ASP C 123 -11.84 34.43 -18.05
N ALA C 124 -12.09 34.90 -16.84
CA ALA C 124 -11.43 34.38 -15.67
C ALA C 124 -11.71 32.88 -15.50
N GLY C 125 -12.96 32.49 -15.69
CA GLY C 125 -13.34 31.09 -15.56
C GLY C 125 -12.78 30.22 -16.67
N GLN C 126 -12.84 30.71 -17.89
CA GLN C 126 -12.36 29.91 -19.02
C GLN C 126 -10.85 29.72 -18.99
N GLN C 127 -10.10 30.69 -18.49
CA GLN C 127 -8.65 30.53 -18.37
C GLN C 127 -8.28 29.37 -17.45
N LEU C 128 -9.11 29.09 -16.44
CA LEU C 128 -8.80 28.01 -15.51
C LEU C 128 -8.84 26.64 -16.18
N LEU C 129 -9.48 26.54 -17.34
CA LEU C 129 -9.48 25.28 -18.08
C LEU C 129 -8.06 24.91 -18.51
N ASN C 130 -7.17 25.89 -18.57
CA ASN C 130 -5.79 25.69 -18.99
C ASN C 130 -4.79 25.65 -17.81
N SER C 131 -5.31 25.68 -16.59
CA SER C 131 -4.49 25.78 -15.39
C SER C 131 -3.55 24.61 -15.14
N LYS C 133 -2.32 22.55 -17.92
CA LYS C 133 -1.68 22.11 -19.16
C LYS C 133 -0.18 21.85 -18.98
N ARG C 134 0.48 22.66 -18.16
CA ARG C 134 1.92 22.48 -17.96
C ARG C 134 2.23 21.21 -17.17
N LYS C 135 1.18 20.60 -16.60
CA LYS C 135 1.30 19.40 -15.81
C LYS C 135 0.67 18.20 -16.54
N GLY C 136 0.31 18.39 -17.80
CA GLY C 136 -0.14 17.28 -18.61
C GLY C 136 -1.64 17.12 -18.79
N VAL C 137 -2.42 18.00 -18.17
CA VAL C 137 -3.87 17.86 -18.17
C VAL C 137 -4.55 18.97 -18.98
N VAL C 138 -5.41 18.56 -19.90
CA VAL C 138 -6.20 19.47 -20.74
C VAL C 138 -7.60 19.61 -20.13
N GLY C 139 -8.01 20.84 -19.82
CA GLY C 139 -9.38 21.09 -19.39
C GLY C 139 -10.28 21.31 -20.60
N LEU C 140 -11.33 20.50 -20.70
CA LEU C 140 -12.19 20.53 -21.87
C LEU C 140 -13.48 21.31 -21.65
N GLY C 141 -13.92 21.39 -20.39
CA GLY C 141 -15.14 22.13 -20.08
C GLY C 141 -15.58 21.93 -18.66
N TYR C 142 -16.39 22.86 -18.18
CA TYR C 142 -17.09 22.71 -16.92
C TYR C 142 -18.39 21.93 -17.11
N LEU C 143 -18.74 21.12 -16.12
CA LEU C 143 -20.02 20.44 -16.10
C LEU C 143 -20.66 20.64 -14.73
N HIS C 144 -21.93 21.03 -14.70
CA HIS C 144 -22.56 21.35 -13.45
C HIS C 144 -23.06 20.11 -12.71
N ASN C 145 -23.08 20.21 -11.39
CA ASN C 145 -23.93 19.36 -10.57
C ASN C 145 -24.90 20.25 -9.81
N GLY C 146 -24.43 20.96 -8.79
CA GLY C 146 -25.31 21.85 -8.05
C GLY C 146 -24.67 22.39 -6.78
N LYS C 148 -24.08 22.48 -2.73
CA LYS C 148 -23.96 21.50 -1.66
C LYS C 148 -24.84 21.83 -0.46
N GLN C 149 -25.35 20.77 0.16
CA GLN C 149 -26.15 20.83 1.36
C GLN C 149 -25.50 19.98 2.42
N PHE C 150 -25.56 20.41 3.67
CA PHE C 150 -25.10 19.58 4.79
C PHE C 150 -26.13 18.50 5.11
N SER C 151 -25.64 17.35 5.56
CA SER C 151 -26.50 16.36 6.23
C SER C 151 -25.79 15.78 7.45
N ALA C 152 -26.58 15.25 8.37
CA ALA C 152 -26.02 14.52 9.50
C ALA C 152 -27.11 13.70 10.15
N SER C 153 -26.73 12.98 11.19
CA SER C 153 -27.69 12.22 11.97
C SER C 153 -28.29 13.05 13.10
N SER C 154 -28.11 14.37 13.03
CA SER C 154 -28.70 15.33 13.97
C SER C 154 -28.88 16.66 13.24
N PRO C 155 -29.76 17.54 13.73
CA PRO C 155 -30.03 18.80 13.02
C PRO C 155 -28.84 19.76 13.02
N LEU C 156 -28.66 20.44 11.88
CA LEU C 156 -27.59 21.43 11.73
C LEU C 156 -28.23 22.78 11.43
N VAL C 157 -28.43 23.58 12.46
CA VAL C 157 -29.11 24.88 12.34
C VAL C 157 -28.13 26.05 12.47
N LEU C 158 -27.34 26.02 13.55
CA LEU C 158 -26.25 26.95 13.77
C LEU C 158 -24.91 26.22 13.70
N PRO C 159 -23.82 26.94 13.42
CA PRO C 159 -22.50 26.30 13.32
C PRO C 159 -22.13 25.46 14.54
N GLU C 160 -22.56 25.89 15.73
CA GLU C 160 -22.30 25.15 16.96
C GLU C 160 -22.84 23.72 16.92
N ASP C 161 -23.87 23.50 16.12
CA ASP C 161 -24.47 22.18 16.00
C ASP C 161 -23.52 21.16 15.33
N ALA C 162 -22.50 21.65 14.63
CA ALA C 162 -21.53 20.76 13.98
C ALA C 162 -20.38 20.35 14.87
N GLN C 163 -20.24 20.99 16.03
CA GLN C 163 -19.09 20.73 16.90
C GLN C 163 -18.95 19.26 17.26
N GLY C 164 -17.76 18.74 17.07
CA GLY C 164 -17.43 17.39 17.48
C GLY C 164 -17.95 16.29 16.56
N LYS C 165 -18.63 16.65 15.49
CA LYS C 165 -19.20 15.66 14.58
C LYS C 165 -18.25 15.37 13.43
N LYS C 166 -18.22 14.12 13.00
CA LYS C 166 -17.33 13.70 11.92
C LYS C 166 -18.04 13.81 10.58
N PHE C 167 -17.44 14.55 9.66
CA PHE C 167 -18.00 14.72 8.31
C PHE C 167 -17.04 14.16 7.28
N ARG C 168 -17.53 13.26 6.41
CA ARG C 168 -16.76 12.89 5.25
C ARG C 168 -16.65 14.13 4.36
N ILE C 169 -15.46 14.31 3.79
CA ILE C 169 -15.22 15.27 2.71
C ILE C 169 -14.49 14.65 1.55
N ALA C 171 -11.41 14.89 -1.03
CA ALA C 171 -10.01 15.11 -0.68
C ALA C 171 -9.58 16.52 -1.03
N SER C 172 -9.90 17.45 -0.13
CA SER C 172 -9.64 18.87 -0.29
C SER C 172 -9.19 19.51 1.02
N ASP C 173 -8.06 20.21 1.00
CA ASP C 173 -7.63 20.96 2.18
C ASP C 173 -8.59 22.13 2.51
N VAL C 174 -9.21 22.74 1.50
CA VAL C 174 -10.16 23.83 1.77
C VAL C 174 -11.37 23.28 2.52
N LEU C 175 -11.86 22.12 2.11
CA LEU C 175 -13.05 21.55 2.75
C LEU C 175 -12.71 21.07 4.15
N ALA C 176 -11.48 20.60 4.37
CA ALA C 176 -11.08 20.25 5.73
C ALA C 176 -11.14 21.51 6.61
N ALA C 177 -10.62 22.61 6.09
CA ALA C 177 -10.62 23.88 6.83
C ALA C 177 -12.03 24.39 7.09
N GLN C 178 -12.93 24.21 6.13
CA GLN C 178 -14.34 24.56 6.28
C GLN C 178 -14.97 23.91 7.50
N PHE C 179 -14.77 22.60 7.65
CA PHE C 179 -15.34 21.90 8.81
C PHE C 179 -14.60 22.18 10.11
N GLN C 180 -13.28 22.33 10.04
CA GLN C 180 -12.51 22.74 11.23
C GLN C 180 -13.00 24.07 11.76
N ALA C 181 -13.45 24.97 10.87
CA ALA C 181 -13.86 26.30 11.26
C ALA C 181 -15.11 26.25 12.14
N VAL C 182 -15.90 25.18 12.02
CA VAL C 182 -17.06 25.00 12.89
C VAL C 182 -16.83 23.89 13.91
N GLU C 183 -15.56 23.58 14.16
CA GLU C 183 -15.16 22.66 15.22
C GLU C 183 -15.64 21.24 14.95
N ALA C 184 -15.84 20.93 13.67
CA ALA C 184 -16.18 19.58 13.26
C ALA C 184 -14.90 18.85 12.82
N ILE C 185 -15.03 17.55 12.55
CA ILE C 185 -13.88 16.70 12.26
C ILE C 185 -13.98 16.20 10.82
N PRO C 186 -13.20 16.78 9.91
CA PRO C 186 -13.30 16.32 8.52
C PRO C 186 -12.49 15.06 8.28
N VAL C 187 -13.05 14.13 7.51
CA VAL C 187 -12.36 12.90 7.15
C VAL C 187 -12.43 12.72 5.64
N LYS C 188 -11.27 12.70 5.01
CA LYS C 188 -11.19 12.56 3.55
C LYS C 188 -11.39 11.09 3.17
N LYS C 189 -12.40 10.82 2.36
CA LYS C 189 -12.68 9.46 1.89
C LYS C 189 -13.18 9.51 0.47
N PRO C 190 -12.88 8.47 -0.32
CA PRO C 190 -13.40 8.40 -1.69
C PRO C 190 -14.92 8.29 -1.73
N PHE C 191 -15.52 8.81 -2.79
CA PHE C 191 -16.98 8.81 -2.91
C PHE C 191 -17.60 7.43 -2.74
N SER C 192 -16.92 6.39 -3.21
CA SER C 192 -17.45 5.04 -3.20
C SER C 192 -17.71 4.52 -1.80
N GLU C 193 -17.05 5.09 -0.79
CA GLU C 193 -17.11 4.58 0.58
C GLU C 193 -18.17 5.28 1.42
N VAL C 194 -18.75 6.37 0.89
CA VAL C 194 -19.53 7.27 1.73
C VAL C 194 -20.80 6.60 2.30
N PHE C 195 -21.60 5.95 1.46
CA PHE C 195 -22.86 5.40 1.94
C PHE C 195 -22.63 4.47 3.15
N THR C 196 -21.68 3.55 3.06
CA THR C 196 -21.47 2.59 4.14
C THR C 196 -20.94 3.28 5.39
N LEU C 197 -20.11 4.29 5.22
CA LEU C 197 -19.61 5.03 6.37
C LEU C 197 -20.74 5.75 7.10
N LEU C 198 -21.68 6.29 6.34
CA LEU C 198 -22.85 6.90 6.96
C LEU C 198 -23.74 5.86 7.64
N GLN C 199 -23.98 4.76 6.94
CA GLN C 199 -24.89 3.72 7.44
C GLN C 199 -24.43 3.14 8.77
N THR C 200 -23.14 2.86 8.85
CA THR C 200 -22.53 2.25 10.02
C THR C 200 -22.22 3.26 11.11
N ARG C 201 -22.45 4.54 10.81
CA ARG C 201 -22.18 5.64 11.74
C ARG C 201 -20.68 5.78 12.06
N ALA C 202 -19.84 5.31 11.15
CA ALA C 202 -18.42 5.60 11.22
C ALA C 202 -18.19 7.10 11.03
N ILE C 203 -19.13 7.71 10.30
N ILE C 203 -19.08 7.73 10.28
CA ILE C 203 -19.16 9.14 10.00
CA ILE C 203 -19.11 9.18 10.21
C ILE C 203 -20.56 9.69 10.33
C ILE C 203 -20.51 9.61 10.57
N ASP C 204 -20.65 10.88 10.92
CA ASP C 204 -21.94 11.44 11.33
C ASP C 204 -22.66 12.17 10.20
N GLY C 205 -21.89 12.79 9.32
CA GLY C 205 -22.47 13.62 8.29
C GLY C 205 -21.62 13.79 7.06
N GLN C 206 -22.14 14.57 6.13
CA GLN C 206 -21.43 14.84 4.88
C GLN C 206 -22.00 16.10 4.24
N GLU C 207 -21.48 16.46 3.07
CA GLU C 207 -22.03 17.56 2.28
C GLU C 207 -22.13 17.11 0.82
N ASN C 208 -23.27 17.37 0.19
CA ASN C 208 -23.39 17.02 -1.22
C ASN C 208 -24.60 17.66 -1.89
N THR C 209 -24.71 17.50 -3.21
CA THR C 209 -25.83 18.03 -3.96
C THR C 209 -27.03 17.13 -3.76
N TRP C 210 -28.22 17.66 -4.05
CA TRP C 210 -29.43 16.85 -3.98
C TRP C 210 -29.30 15.59 -4.84
N SER C 211 -28.71 15.75 -6.02
CA SER C 211 -28.56 14.63 -6.95
C SER C 211 -27.74 13.49 -6.34
N ASN C 212 -26.62 13.80 -5.68
CA ASN C 212 -25.85 12.75 -5.05
C ASN C 212 -26.51 12.20 -3.79
N ILE C 213 -27.08 13.08 -2.98
CA ILE C 213 -27.80 12.63 -1.80
C ILE C 213 -28.90 11.63 -2.19
N TYR C 214 -29.63 11.92 -3.26
CA TYR C 214 -30.72 11.04 -3.67
C TYR C 214 -30.19 9.79 -4.35
N SER C 215 -29.36 9.96 -5.38
CA SER C 215 -28.96 8.81 -6.18
C SER C 215 -28.14 7.80 -5.38
N LYS C 216 -27.43 8.27 -4.34
CA LYS C 216 -26.65 7.36 -3.49
C LYS C 216 -27.38 6.97 -2.20
N LYS C 217 -28.62 7.43 -2.03
CA LYS C 217 -29.44 7.09 -0.89
C LYS C 217 -28.83 7.54 0.44
N PHE C 218 -28.03 8.61 0.40
CA PHE C 218 -27.52 9.18 1.64
C PHE C 218 -28.67 9.60 2.56
N TYR C 219 -29.78 10.06 1.97
CA TYR C 219 -30.93 10.51 2.75
C TYR C 219 -31.57 9.39 3.55
N GLU C 220 -31.32 8.14 3.16
CA GLU C 220 -31.87 6.99 3.88
C GLU C 220 -31.07 6.66 5.14
N VAL C 221 -29.89 7.26 5.28
CA VAL C 221 -29.01 7.02 6.42
C VAL C 221 -28.56 8.35 7.05
N GLN C 222 -29.33 9.41 6.77
CA GLN C 222 -29.09 10.73 7.35
C GLN C 222 -30.44 11.32 7.73
N SER C 223 -30.71 11.40 9.02
CA SER C 223 -32.01 11.88 9.52
C SER C 223 -32.27 13.37 9.27
N ASN C 224 -31.20 14.13 9.00
CA ASN C 224 -31.30 15.57 8.87
C ASN C 224 -30.48 16.11 7.71
N ILE C 225 -31.10 17.00 6.94
CA ILE C 225 -30.42 17.71 5.86
C ILE C 225 -30.71 19.19 6.06
N THR C 226 -29.71 20.04 5.85
CA THR C 226 -29.93 21.48 5.87
C THR C 226 -29.70 22.02 4.49
N GLU C 227 -30.65 22.82 3.99
CA GLU C 227 -30.44 23.49 2.71
C GLU C 227 -29.56 24.71 2.95
N SER C 228 -28.27 24.45 3.04
CA SER C 228 -27.27 25.43 3.36
C SER C 228 -26.69 26.13 2.14
N ASN C 229 -26.76 25.48 0.98
CA ASN C 229 -26.19 26.05 -0.24
C ASN C 229 -24.82 26.68 0.01
N HIS C 230 -23.96 25.99 0.75
CA HIS C 230 -22.78 26.62 1.33
C HIS C 230 -21.54 26.49 0.44
N GLY C 231 -21.65 25.73 -0.65
CA GLY C 231 -20.58 25.64 -1.62
C GLY C 231 -21.11 25.03 -2.89
N VAL C 232 -20.29 25.06 -3.93
CA VAL C 232 -20.68 24.43 -5.19
C VAL C 232 -19.92 23.13 -5.43
N LEU C 233 -20.63 22.14 -5.95
CA LEU C 233 -20.02 20.93 -6.47
C LEU C 233 -20.24 20.90 -7.97
N ASP C 234 -19.20 21.28 -8.72
CA ASP C 234 -19.17 21.22 -10.17
C ASP C 234 -17.91 20.43 -10.58
N TYR C 235 -17.82 20.08 -11.86
CA TYR C 235 -16.76 19.28 -12.39
C TYR C 235 -15.97 20.02 -13.47
N VAL C 237 -14.33 18.51 -16.93
CA VAL C 237 -14.06 17.37 -17.81
C VAL C 237 -12.64 17.58 -18.33
N VAL C 238 -11.79 16.58 -18.15
CA VAL C 238 -10.39 16.68 -18.54
C VAL C 238 -9.94 15.47 -19.34
N THR C 239 -8.88 15.68 -20.13
CA THR C 239 -8.16 14.58 -20.79
C THR C 239 -6.66 14.83 -20.60
N SER C 240 -5.82 13.92 -21.08
CA SER C 240 -4.39 14.17 -21.05
C SER C 240 -3.94 14.87 -22.32
N ASN C 241 -2.89 15.69 -22.19
CA ASN C 241 -2.19 16.19 -23.38
C ASN C 241 -1.84 15.03 -24.32
N THR C 242 -1.36 13.92 -23.74
CA THR C 242 -0.92 12.81 -24.56
C THR C 242 -2.05 12.34 -25.48
N PHE C 243 -3.20 12.06 -24.90
CA PHE C 243 -4.31 11.56 -25.71
C PHE C 243 -4.84 12.61 -26.68
N TRP C 244 -5.02 13.82 -26.18
CA TRP C 244 -5.66 14.87 -26.98
C TRP C 244 -4.79 15.20 -28.21
N LYS C 245 -3.48 15.29 -28.02
CA LYS C 245 -2.56 15.54 -29.13
C LYS C 245 -2.51 14.37 -30.10
N SER C 246 -2.81 13.17 -29.64
CA SER C 246 -2.69 11.97 -30.48
C SER C 246 -3.77 11.90 -31.55
N LEU C 247 -4.89 12.58 -31.33
CA LEU C 247 -5.98 12.52 -32.27
C LEU C 247 -5.67 13.34 -33.54
N PRO C 248 -6.08 12.83 -34.70
CA PRO C 248 -6.05 13.71 -35.89
C PRO C 248 -6.93 14.94 -35.65
N ALA C 249 -6.52 16.11 -36.14
CA ALA C 249 -7.23 17.35 -35.83
C ALA C 249 -8.71 17.28 -36.21
N ASP C 250 -9.05 16.71 -37.36
CA ASP C 250 -10.46 16.68 -37.78
C ASP C 250 -11.33 15.84 -36.83
N LYS C 251 -10.81 14.71 -36.39
CA LYS C 251 -11.52 13.85 -35.45
C LYS C 251 -11.59 14.51 -34.08
N ARG C 252 -10.50 15.16 -33.67
CA ARG C 252 -10.51 15.86 -32.39
C ARG C 252 -11.65 16.87 -32.36
N LYS C 253 -11.82 17.61 -33.45
CA LYS C 253 -12.84 18.65 -33.48
C LYS C 253 -14.24 18.05 -33.34
N VAL C 254 -14.48 16.91 -33.99
CA VAL C 254 -15.76 16.23 -33.92
C VAL C 254 -16.00 15.71 -32.49
N ILE C 255 -14.97 15.10 -31.90
CA ILE C 255 -15.06 14.62 -30.53
C ILE C 255 -15.33 15.77 -29.54
N LYS C 256 -14.63 16.89 -29.74
CA LYS C 256 -14.82 18.04 -28.87
C LYS C 256 -16.23 18.63 -29.00
N ALA C 257 -16.74 18.76 -30.23
CA ALA C 257 -18.11 19.23 -30.43
C ALA C 257 -19.11 18.29 -29.76
N SER C 258 -18.85 16.99 -29.83
CA SER C 258 -19.69 15.99 -29.18
C SER C 258 -19.67 16.15 -27.66
N LEU C 259 -18.50 16.36 -27.11
CA LEU C 259 -18.35 16.58 -25.69
C LEU C 259 -19.10 17.84 -25.26
N ASP C 260 -18.93 18.92 -26.03
CA ASP C 260 -19.59 20.17 -25.67
C ASP C 260 -21.11 19.98 -25.63
N GLU C 261 -21.65 19.26 -26.60
CA GLU C 261 -23.09 19.05 -26.66
C GLU C 261 -23.54 18.16 -25.50
N ALA C 262 -22.71 17.16 -25.17
CA ALA C 262 -23.01 16.27 -24.06
C ALA C 262 -22.97 17.03 -22.73
N ILE C 263 -22.05 17.98 -22.62
CA ILE C 263 -22.01 18.83 -21.42
C ILE C 263 -23.28 19.70 -21.33
N ALA C 264 -23.71 20.30 -22.43
CA ALA C 264 -24.94 21.09 -22.40
C ALA C 264 -26.14 20.23 -21.97
N TYR C 265 -26.20 19.01 -22.46
CA TYR C 265 -27.22 18.05 -22.08
C TYR C 265 -27.11 17.71 -20.57
N GLY C 266 -25.89 17.44 -20.12
CA GLY C 266 -25.68 17.16 -18.72
C GLY C 266 -26.07 18.31 -17.81
N ASN C 267 -25.81 19.54 -18.26
CA ASN C 267 -26.21 20.72 -17.48
C ASN C 267 -27.73 20.84 -17.36
N GLU C 268 -28.43 20.50 -18.43
CA GLU C 268 -29.89 20.50 -18.39
C GLU C 268 -30.38 19.49 -17.37
N ILE C 269 -29.77 18.31 -17.37
CA ILE C 269 -30.09 17.27 -16.39
C ILE C 269 -29.80 17.75 -14.97
N ALA C 270 -28.64 18.36 -14.77
CA ALA C 270 -28.27 18.87 -13.44
C ALA C 270 -29.34 19.81 -12.92
N ALA C 271 -29.81 20.71 -13.77
CA ALA C 271 -30.75 21.73 -13.35
C ALA C 271 -32.08 21.09 -12.97
N ALA C 272 -32.47 20.07 -13.71
CA ALA C 272 -33.71 19.37 -13.41
C ALA C 272 -33.61 18.54 -12.12
N LYS C 273 -32.47 17.89 -11.91
CA LYS C 273 -32.31 17.05 -10.73
C LYS C 273 -32.35 17.84 -9.43
N VAL C 274 -31.93 19.10 -9.44
CA VAL C 274 -31.95 19.88 -8.21
C VAL C 274 -33.36 19.85 -7.63
N ASN C 275 -34.36 20.19 -8.44
CA ASN C 275 -35.71 20.21 -7.93
C ASN C 275 -36.29 18.80 -7.78
N LYS C 276 -36.07 17.94 -8.77
CA LYS C 276 -36.66 16.61 -8.77
C LYS C 276 -36.15 15.77 -7.60
N ASP C 277 -34.85 15.77 -7.39
CA ASP C 277 -34.28 14.92 -6.35
C ASP C 277 -34.50 15.51 -4.95
N LYS C 278 -34.45 16.83 -4.82
CA LYS C 278 -34.82 17.47 -3.58
C LYS C 278 -36.25 17.07 -3.21
N GLN C 279 -37.18 17.15 -4.14
CA GLN C 279 -38.57 16.86 -3.80
C GLN C 279 -38.74 15.37 -3.51
N ALA C 280 -38.03 14.50 -4.21
CA ALA C 280 -38.09 13.07 -3.93
C ALA C 280 -37.60 12.77 -2.52
N ILE C 281 -36.55 13.45 -2.08
CA ILE C 281 -36.04 13.27 -0.73
C ILE C 281 -37.12 13.72 0.29
N ILE C 282 -37.65 14.92 0.09
CA ILE C 282 -38.69 15.44 0.98
C ILE C 282 -39.89 14.51 1.03
N ASP C 283 -40.33 14.04 -0.13
CA ASP C 283 -41.56 13.24 -0.19
C ASP C 283 -41.37 11.88 0.49
N SER C 284 -40.12 11.39 0.58
CA SER C 284 -39.83 10.09 1.19
C SER C 284 -40.08 10.08 2.69
N LYS C 285 -40.04 11.26 3.29
CA LYS C 285 -40.16 11.46 4.73
C LYS C 285 -39.08 10.75 5.56
N ARG C 286 -37.99 10.30 4.93
CA ARG C 286 -36.89 9.64 5.64
C ARG C 286 -35.94 10.65 6.29
N SER C 287 -35.96 11.88 5.78
N SER C 287 -35.96 11.90 5.82
CA SER C 287 -35.09 12.93 6.29
CA SER C 287 -35.03 12.91 6.30
C SER C 287 -35.89 14.19 6.53
C SER C 287 -35.62 14.32 6.35
N GLU C 288 -35.45 14.97 7.50
CA GLU C 288 -36.04 16.25 7.77
C GLU C 288 -35.15 17.34 7.19
N VAL C 289 -35.71 18.17 6.32
CA VAL C 289 -34.97 19.28 5.75
C VAL C 289 -35.17 20.56 6.56
N THR C 290 -34.05 21.14 6.96
CA THR C 290 -34.01 22.42 7.65
C THR C 290 -33.68 23.54 6.65
N TYR C 291 -34.48 24.60 6.66
CA TYR C 291 -34.22 25.82 5.90
C TYR C 291 -33.71 26.87 6.87
N LEU C 292 -32.59 27.48 6.54
CA LEU C 292 -31.96 28.46 7.41
C LEU C 292 -32.62 29.83 7.26
N THR C 293 -32.79 30.51 8.38
CA THR C 293 -33.21 31.90 8.35
C THR C 293 -32.03 32.72 7.86
N PRO C 294 -32.28 33.95 7.38
CA PRO C 294 -31.15 34.79 7.00
C PRO C 294 -30.16 34.97 8.14
N GLU C 295 -30.63 35.15 9.37
CA GLU C 295 -29.72 35.27 10.51
C GLU C 295 -28.90 34.01 10.75
N GLN C 296 -29.49 32.82 10.58
CA GLN C 296 -28.73 31.59 10.71
C GLN C 296 -27.71 31.44 9.61
N ARG C 297 -28.09 31.77 8.38
CA ARG C 297 -27.14 31.72 7.28
C ARG C 297 -25.95 32.62 7.59
N ALA C 298 -26.23 33.83 8.07
CA ALA C 298 -25.16 34.78 8.37
C ALA C 298 -24.18 34.23 9.40
N ALA C 299 -24.68 33.46 10.36
CA ALA C 299 -23.82 32.84 11.35
C ALA C 299 -22.85 31.83 10.73
N TRP C 300 -23.34 31.01 9.79
CA TRP C 300 -22.45 30.07 9.10
C TRP C 300 -21.44 30.82 8.25
N VAL C 301 -21.88 31.85 7.55
CA VAL C 301 -20.98 32.65 6.73
C VAL C 301 -19.86 33.23 7.58
N ASN C 302 -20.22 33.83 8.71
CA ASN C 302 -19.23 34.41 9.61
C ASN C 302 -18.22 33.39 10.12
N ALA C 303 -18.68 32.18 10.41
CA ALA C 303 -17.80 31.15 10.95
C ALA C 303 -16.81 30.67 9.92
N LYS C 305 -15.38 32.35 7.42
CA LYS C 305 -14.36 33.40 7.05
C LYS C 305 -12.85 33.22 7.22
N PRO C 306 -12.48 32.64 8.44
CA PRO C 306 -11.06 32.26 8.50
C PRO C 306 -10.61 31.48 7.25
N PRO D 25 -1.89 33.01 34.41
CA PRO D 25 -2.26 31.72 33.80
C PRO D 25 -2.09 30.53 34.73
N THR D 26 -2.93 29.53 34.55
CA THR D 26 -2.76 28.26 35.24
C THR D 26 -1.53 27.53 34.70
N GLU D 27 -0.63 27.14 35.60
CA GLU D 27 0.60 26.45 35.23
C GLU D 27 0.40 24.95 35.15
N ILE D 28 0.81 24.38 34.02
CA ILE D 28 0.83 22.95 33.77
C ILE D 28 2.29 22.55 33.68
N LYS D 29 2.71 21.58 34.49
CA LYS D 29 4.09 21.11 34.46
C LYS D 29 4.23 19.81 33.67
N PHE D 30 5.24 19.75 32.80
CA PHE D 30 5.60 18.56 32.03
C PHE D 30 7.07 18.25 32.35
N SER D 31 7.30 17.07 32.92
N SER D 31 7.32 17.09 32.96
CA SER D 31 8.63 16.62 33.32
CA SER D 31 8.70 16.71 33.26
C SER D 31 9.07 15.45 32.46
C SER D 31 9.10 15.44 32.55
N HIS D 32 10.35 15.39 32.14
CA HIS D 32 10.90 14.20 31.51
C HIS D 32 12.40 14.10 31.78
N VAL D 33 12.98 12.99 31.33
CA VAL D 33 14.36 12.65 31.69
C VAL D 33 15.39 12.79 30.57
N VAL D 34 14.96 13.13 29.37
CA VAL D 34 15.90 13.23 28.25
C VAL D 34 16.41 14.64 27.96
N ALA D 35 17.42 14.71 27.10
CA ALA D 35 17.97 15.97 26.59
C ALA D 35 16.94 16.69 25.74
N GLU D 36 17.14 17.98 25.53
CA GLU D 36 16.18 18.76 24.78
C GLU D 36 16.15 18.40 23.29
N ASN D 37 17.31 18.10 22.71
CA ASN D 37 17.40 17.88 21.27
C ASN D 37 17.18 16.41 20.94
N THR D 38 15.95 15.98 21.15
CA THR D 38 15.51 14.58 21.07
C THR D 38 14.04 14.59 20.71
N PRO D 39 13.50 13.43 20.31
CA PRO D 39 12.08 13.47 19.95
C PRO D 39 11.17 13.86 21.12
N LYS D 40 11.43 13.34 22.32
CA LYS D 40 10.59 13.72 23.46
C LYS D 40 10.84 15.14 23.91
N GLY D 41 12.10 15.56 23.89
CA GLY D 41 12.42 16.94 24.26
C GLY D 41 11.71 17.94 23.35
N GLN D 42 11.70 17.65 22.05
CA GLN D 42 11.07 18.55 21.09
C GLN D 42 9.55 18.47 21.13
N ALA D 44 7.80 17.97 23.83
CA ALA D 44 7.32 18.71 24.99
C ALA D 44 7.34 20.22 24.73
N LEU D 45 8.38 20.68 24.05
CA LEU D 45 8.48 22.11 23.75
C LEU D 45 7.45 22.54 22.71
N LYS D 46 7.12 21.66 21.77
CA LYS D 46 6.09 21.99 20.79
C LYS D 46 4.72 22.05 21.48
N PHE D 47 4.48 21.13 22.41
CA PHE D 47 3.24 21.13 23.19
C PHE D 47 3.09 22.45 23.93
N LYS D 48 4.14 22.89 24.62
CA LYS D 48 4.13 24.19 25.27
C LYS D 48 3.78 25.32 24.29
N GLN D 49 4.43 25.33 23.13
CA GLN D 49 4.23 26.39 22.15
C GLN D 49 2.77 26.44 21.72
N LEU D 50 2.21 25.28 21.39
CA LEU D 50 0.83 25.25 20.90
C LEU D 50 -0.20 25.61 21.96
N VAL D 51 -0.04 25.10 23.17
CA VAL D 51 -0.99 25.42 24.22
C VAL D 51 -0.98 26.91 24.50
N GLU D 52 0.22 27.49 24.58
CA GLU D 52 0.33 28.90 24.89
C GLU D 52 -0.13 29.81 23.73
N GLU D 53 0.00 29.36 22.50
CA GLU D 53 -0.53 30.11 21.35
C GLU D 53 -2.06 30.13 21.39
N ARG D 54 -2.62 29.00 21.82
CA ARG D 54 -4.05 28.75 21.66
C ARG D 54 -4.88 29.18 22.87
N LEU D 55 -4.26 29.17 24.04
CA LEU D 55 -4.91 29.58 25.28
C LEU D 55 -4.06 30.64 25.97
N PRO D 56 -3.75 31.73 25.26
CA PRO D 56 -2.80 32.73 25.75
C PRO D 56 -3.29 33.37 27.03
N GLY D 57 -2.44 33.34 28.06
CA GLY D 57 -2.79 33.90 29.35
C GLY D 57 -3.68 33.03 30.21
N GLU D 58 -4.16 31.91 29.67
CA GLU D 58 -5.02 31.00 30.42
C GLU D 58 -4.25 29.82 30.99
N TYR D 59 -3.39 29.24 30.17
CA TYR D 59 -2.54 28.15 30.60
C TYR D 59 -1.13 28.40 30.16
N GLN D 60 -0.19 27.97 31.00
CA GLN D 60 1.23 28.04 30.69
C GLN D 60 1.81 26.66 30.95
N VAL D 61 2.61 26.14 30.01
CA VAL D 61 3.22 24.83 30.17
C VAL D 61 4.69 25.01 30.49
N ASN D 62 5.09 24.57 31.68
CA ASN D 62 6.48 24.66 32.09
C ASN D 62 7.10 23.30 31.93
N VAL D 63 8.15 23.25 31.12
CA VAL D 63 8.78 22.01 30.72
C VAL D 63 10.10 21.83 31.46
N PHE D 64 10.31 20.65 32.03
CA PHE D 64 11.50 20.34 32.80
C PHE D 64 12.18 19.12 32.24
N PRO D 65 13.22 19.32 31.42
CA PRO D 65 13.91 18.18 30.82
C PRO D 65 14.98 17.61 31.75
N ASN D 66 15.67 16.56 31.31
CA ASN D 66 16.91 16.13 31.95
C ASN D 66 16.74 15.79 33.44
N SER D 67 15.56 15.31 33.80
CA SER D 67 15.25 14.95 35.23
C SER D 67 15.41 16.13 36.19
N GLN D 68 15.32 17.35 35.68
CA GLN D 68 15.42 18.55 36.52
C GLN D 68 14.39 18.55 37.64
N LEU D 69 13.17 18.10 37.32
CA LEU D 69 12.10 18.14 38.31
C LEU D 69 11.86 16.78 38.94
N PHE D 70 11.49 15.80 38.12
CA PHE D 70 11.32 14.42 38.54
C PHE D 70 12.11 13.51 37.62
N GLY D 71 12.57 12.38 38.17
CA GLY D 71 13.32 11.38 37.42
C GLY D 71 12.53 10.11 37.23
N ASP D 72 13.20 9.06 36.73
CA ASP D 72 12.52 7.80 36.42
C ASP D 72 11.77 7.25 37.62
N ASN D 73 12.41 7.27 38.79
CA ASN D 73 11.87 6.51 39.91
C ASN D 73 10.70 7.20 40.61
N ASN D 74 10.58 8.52 40.50
CA ASN D 74 9.51 9.23 41.22
C ASN D 74 8.48 9.96 40.37
N GLU D 75 8.62 9.94 39.05
CA GLU D 75 7.75 10.77 38.24
C GLU D 75 6.27 10.34 38.25
N LEU D 76 6.00 9.04 38.29
CA LEU D 76 4.60 8.59 38.25
C LEU D 76 3.88 8.87 39.58
N SER D 77 4.56 8.68 40.70
N SER D 77 4.57 8.72 40.70
CA SER D 77 4.00 9.09 41.98
CA SER D 77 3.99 9.08 41.99
C SER D 77 3.70 10.59 41.98
C SER D 77 3.75 10.59 42.09
N ALA D 78 4.63 11.38 41.49
CA ALA D 78 4.46 12.82 41.42
C ALA D 78 3.22 13.15 40.61
N LEU D 79 3.05 12.45 39.49
CA LEU D 79 1.89 12.66 38.63
C LEU D 79 0.59 12.44 39.38
N LEU D 80 0.49 11.33 40.10
CA LEU D 80 -0.72 10.98 40.81
C LEU D 80 -1.01 11.87 42.01
N LEU D 81 0.03 12.43 42.61
CA LEU D 81 -0.13 13.46 43.64
C LEU D 81 -0.38 14.84 43.05
N ASN D 82 -0.37 14.96 41.72
CA ASN D 82 -0.57 16.23 41.01
C ASN D 82 0.54 17.27 41.30
N ASP D 83 1.74 16.78 41.60
CA ASP D 83 2.93 17.62 41.65
C ASP D 83 3.47 17.89 40.23
N VAL D 84 3.04 17.09 39.25
CA VAL D 84 3.33 17.30 37.84
C VAL D 84 2.07 16.83 37.08
N GLN D 85 1.83 17.39 35.91
CA GLN D 85 0.59 17.15 35.16
C GLN D 85 0.75 16.27 33.92
N PHE D 86 1.94 16.28 33.32
CA PHE D 86 2.22 15.40 32.21
C PHE D 86 3.61 14.81 32.37
N VAL D 87 3.71 13.50 32.12
CA VAL D 87 4.99 12.83 31.97
C VAL D 87 4.88 11.91 30.77
N ALA D 88 6.01 11.40 30.29
CA ALA D 88 5.98 10.50 29.15
C ALA D 88 7.06 9.41 29.29
N PRO D 89 6.85 8.49 30.24
CA PRO D 89 7.81 7.40 30.46
C PRO D 89 7.83 6.44 29.30
N SER D 90 8.99 5.82 29.13
CA SER D 90 9.07 4.66 28.28
C SER D 90 8.03 3.62 28.68
N LEU D 91 7.51 2.93 27.68
CA LEU D 91 6.54 1.86 27.87
C LEU D 91 7.04 0.77 28.80
N SER D 92 8.38 0.66 28.96
CA SER D 92 9.00 -0.28 29.89
C SER D 92 8.82 0.02 31.37
N LYS D 93 8.32 1.21 31.70
CA LYS D 93 8.42 1.71 33.06
C LYS D 93 7.08 1.71 33.81
N PHE D 94 6.13 0.87 33.38
CA PHE D 94 4.78 0.90 33.88
C PHE D 94 4.34 -0.37 34.66
N GLU D 95 5.27 -1.26 35.00
CA GLU D 95 4.93 -2.52 35.66
C GLU D 95 4.14 -2.37 36.95
N ARG D 96 4.33 -1.26 37.66
CA ARG D 96 3.64 -1.08 38.93
C ARG D 96 2.16 -0.73 38.73
N TYR D 97 1.77 -0.46 37.49
CA TYR D 97 0.41 0.00 37.19
C TYR D 97 -0.34 -0.97 36.26
N THR D 98 0.38 -1.69 35.42
CA THR D 98 -0.22 -2.71 34.55
C THR D 98 0.87 -3.70 34.16
N LYS D 99 0.47 -4.93 33.87
CA LYS D 99 1.42 -5.91 33.36
C LYS D 99 1.34 -6.02 31.84
N LYS D 100 0.45 -5.26 31.20
CA LYS D 100 0.25 -5.39 29.76
C LYS D 100 1.33 -4.69 28.93
N LEU D 101 1.86 -3.56 29.41
CA LEU D 101 2.78 -2.77 28.59
C LEU D 101 4.18 -3.40 28.50
N GLN D 102 4.44 -4.39 29.35
CA GLN D 102 5.62 -5.27 29.25
C GLN D 102 5.78 -5.89 27.87
N LEU D 103 4.65 -6.01 27.16
CA LEU D 103 4.64 -6.44 25.77
C LEU D 103 5.74 -5.75 24.98
N PHE D 104 5.86 -4.45 25.16
CA PHE D 104 6.81 -3.66 24.36
C PHE D 104 8.27 -3.94 24.65
N ASP D 105 8.55 -4.65 25.74
CA ASP D 105 9.93 -5.02 26.08
C ASP D 105 10.35 -6.38 25.49
N LEU D 106 9.43 -7.16 24.94
CA LEU D 106 9.77 -8.49 24.48
C LEU D 106 10.77 -8.38 23.35
N PRO D 107 11.88 -9.12 23.47
CA PRO D 107 12.93 -8.96 22.46
C PRO D 107 12.49 -9.48 21.10
N PHE D 108 12.78 -8.69 20.07
CA PHE D 108 12.50 -9.06 18.68
C PHE D 108 11.01 -9.24 18.37
N LEU D 109 10.15 -8.61 19.17
CA LEU D 109 8.71 -8.69 18.90
C LEU D 109 8.33 -7.96 17.61
N PHE D 110 8.82 -6.74 17.47
CA PHE D 110 8.54 -5.90 16.31
C PHE D 110 9.78 -5.86 15.42
N LYS D 111 9.62 -6.11 14.13
CA LYS D 111 10.77 -6.09 13.24
C LYS D 111 11.37 -4.68 13.15
N ASP D 112 10.49 -3.69 13.09
CA ASP D 112 10.87 -2.32 12.80
C ASP D 112 9.80 -1.37 13.28
N ASP D 114 7.77 0.51 11.59
CA ASP D 114 6.51 0.44 10.87
C ASP D 114 5.58 -0.55 11.57
N ALA D 115 6.11 -1.68 12.03
CA ALA D 115 5.29 -2.65 12.76
C ALA D 115 4.82 -2.08 14.09
N VAL D 116 5.74 -1.44 14.82
CA VAL D 116 5.41 -0.78 16.07
C VAL D 116 4.23 0.17 15.88
N ASN D 117 4.30 1.02 14.86
CA ASN D 117 3.25 1.99 14.64
C ASN D 117 1.92 1.33 14.27
N ARG D 118 1.99 0.29 13.45
CA ARG D 118 0.78 -0.42 13.07
C ARG D 118 0.10 -0.99 14.31
N PHE D 119 0.89 -1.60 15.18
CA PHE D 119 0.33 -2.10 16.43
C PHE D 119 -0.25 -0.98 17.28
N GLN D 120 0.51 0.09 17.50
CA GLN D 120 0.06 1.15 18.38
C GLN D 120 -1.23 1.79 17.91
N GLN D 121 -1.38 1.94 16.60
CA GLN D 121 -2.53 2.62 16.03
C GLN D 121 -3.77 1.73 15.88
N SER D 122 -3.58 0.42 16.00
CA SER D 122 -4.69 -0.53 15.92
C SER D 122 -5.56 -0.45 17.18
N ASP D 123 -6.71 -1.12 17.14
CA ASP D 123 -7.55 -1.21 18.33
C ASP D 123 -6.79 -1.83 19.50
N ALA D 124 -6.06 -2.92 19.25
CA ALA D 124 -5.32 -3.57 20.32
C ALA D 124 -4.34 -2.59 20.97
N GLY D 125 -3.66 -1.80 20.16
CA GLY D 125 -2.71 -0.83 20.69
C GLY D 125 -3.37 0.35 21.38
N GLN D 126 -4.44 0.87 20.79
CA GLN D 126 -5.09 2.02 21.40
C GLN D 126 -5.78 1.66 22.72
N GLN D 127 -6.29 0.44 22.87
CA GLN D 127 -6.91 0.06 24.14
C GLN D 127 -5.90 0.11 25.27
N LEU D 128 -4.61 -0.11 24.97
CA LEU D 128 -3.60 -0.06 26.03
C LEU D 128 -3.41 1.32 26.62
N LEU D 129 -3.84 2.36 25.92
CA LEU D 129 -3.79 3.71 26.48
C LEU D 129 -4.67 3.79 27.73
N ASN D 130 -5.64 2.88 27.83
CA ASN D 130 -6.59 2.84 28.95
C ASN D 130 -6.23 1.79 30.01
N SER D 131 -5.10 1.11 29.85
CA SER D 131 -4.72 -0.03 30.69
C SER D 131 -4.47 0.32 32.16
N LYS D 133 -6.12 3.13 33.76
CA LYS D 133 -7.16 4.06 34.21
C LYS D 133 -7.67 3.67 35.59
N ARG D 134 -7.77 2.39 35.86
CA ARG D 134 -8.25 1.95 37.16
C ARG D 134 -7.28 2.29 38.29
N LYS D 135 -6.05 2.67 37.91
CA LYS D 135 -4.99 3.04 38.85
C LYS D 135 -4.71 4.54 38.83
N GLY D 136 -5.54 5.29 38.10
CA GLY D 136 -5.48 6.75 38.13
C GLY D 136 -4.74 7.40 36.99
N VAL D 137 -4.22 6.60 36.07
CA VAL D 137 -3.34 7.10 35.01
C VAL D 137 -4.07 7.05 33.69
N VAL D 138 -4.12 8.20 33.01
CA VAL D 138 -4.79 8.36 31.74
C VAL D 138 -3.75 8.40 30.63
N GLY D 139 -3.84 7.46 29.70
CA GLY D 139 -2.95 7.43 28.54
C GLY D 139 -3.47 8.31 27.44
N LEU D 140 -2.63 9.24 26.99
CA LEU D 140 -3.03 10.24 26.01
C LEU D 140 -2.48 9.99 24.59
N GLY D 141 -1.38 9.24 24.48
CA GLY D 141 -0.90 8.90 23.17
C GLY D 141 0.46 8.22 23.26
N TYR D 142 0.81 7.50 22.21
CA TYR D 142 2.14 6.96 22.06
C TYR D 142 3.06 7.98 21.40
N LEU D 143 4.31 8.00 21.80
CA LEU D 143 5.30 8.83 21.15
C LEU D 143 6.51 7.96 20.85
N HIS D 144 7.04 8.07 19.64
CA HIS D 144 8.19 7.26 19.24
C HIS D 144 9.52 7.78 19.73
N ASN D 145 10.43 6.85 19.97
CA ASN D 145 11.84 7.18 19.96
C ASN D 145 12.49 6.33 18.87
N GLY D 146 12.62 5.03 19.11
CA GLY D 146 13.16 4.17 18.05
C GLY D 146 13.53 2.78 18.52
N LYS D 148 16.07 -0.15 19.80
CA LYS D 148 17.21 -0.23 20.70
C LYS D 148 18.40 -0.97 20.07
N GLN D 149 19.58 -0.51 20.45
CA GLN D 149 20.87 -1.07 20.06
C GLN D 149 21.67 -1.40 21.31
N PHE D 150 22.44 -2.49 21.29
CA PHE D 150 23.35 -2.80 22.38
C PHE D 150 24.62 -1.96 22.30
N SER D 151 25.20 -1.61 23.46
CA SER D 151 26.57 -1.13 23.49
C SER D 151 27.30 -1.72 24.67
N ALA D 152 28.62 -1.74 24.57
CA ALA D 152 29.47 -2.18 25.66
C ALA D 152 30.90 -1.74 25.41
N SER D 153 31.77 -2.08 26.34
CA SER D 153 33.19 -1.77 26.20
C SER D 153 33.96 -2.90 25.51
N SER D 154 33.22 -3.85 24.92
CA SER D 154 33.77 -4.93 24.13
C SER D 154 32.73 -5.29 23.06
N PRO D 155 33.16 -5.96 21.99
CA PRO D 155 32.21 -6.25 20.90
C PRO D 155 31.09 -7.21 21.29
N LEU D 156 29.90 -6.99 20.74
CA LEU D 156 28.77 -7.87 20.97
C LEU D 156 28.26 -8.41 19.64
N VAL D 157 28.77 -9.57 19.25
CA VAL D 157 28.49 -10.14 17.94
C VAL D 157 27.55 -11.34 18.08
N LEU D 158 27.90 -12.25 19.00
CA LEU D 158 27.08 -13.40 19.34
C LEU D 158 26.65 -13.29 20.79
N PRO D 159 25.54 -13.95 21.14
CA PRO D 159 25.04 -13.82 22.51
C PRO D 159 26.09 -14.16 23.58
N GLU D 160 26.98 -15.11 23.29
CA GLU D 160 28.03 -15.52 24.23
C GLU D 160 28.94 -14.36 24.63
N ASP D 161 29.03 -13.35 23.76
CA ASP D 161 29.87 -12.18 24.01
C ASP D 161 29.36 -11.34 25.19
N ALA D 162 28.10 -11.53 25.55
CA ALA D 162 27.50 -10.81 26.67
C ALA D 162 27.75 -11.46 28.03
N GLN D 163 28.25 -12.69 28.04
CA GLN D 163 28.35 -13.45 29.26
C GLN D 163 29.17 -12.70 30.31
N GLY D 164 28.64 -12.60 31.52
CA GLY D 164 29.33 -11.97 32.63
C GLY D 164 29.39 -10.44 32.65
N LYS D 165 28.82 -9.79 31.63
CA LYS D 165 28.91 -8.35 31.55
C LYS D 165 27.70 -7.72 32.25
N LYS D 166 27.94 -6.59 32.92
CA LYS D 166 26.89 -5.84 33.60
C LYS D 166 26.29 -4.81 32.66
N PHE D 167 24.97 -4.88 32.48
CA PHE D 167 24.24 -3.95 31.62
C PHE D 167 23.22 -3.17 32.44
N ARG D 168 23.27 -1.84 32.37
CA ARG D 168 22.17 -1.06 32.92
C ARG D 168 20.92 -1.34 32.13
N ILE D 169 19.79 -1.43 32.82
CA ILE D 169 18.50 -1.49 32.16
C ILE D 169 17.55 -0.50 32.81
N ALA D 171 13.88 0.05 34.48
CA ALA D 171 13.31 -0.77 35.53
C ALA D 171 12.21 -1.67 34.98
N SER D 172 12.63 -2.79 34.43
CA SER D 172 11.74 -3.74 33.77
C SER D 172 12.18 -5.17 34.04
N ASP D 173 11.25 -5.99 34.52
CA ASP D 173 11.53 -7.40 34.72
C ASP D 173 11.76 -8.13 33.40
N VAL D 174 11.07 -7.72 32.34
CA VAL D 174 11.32 -8.34 31.03
C VAL D 174 12.76 -8.07 30.58
N LEU D 175 13.22 -6.84 30.74
CA LEU D 175 14.57 -6.50 30.32
C LEU D 175 15.60 -7.22 31.18
N ALA D 176 15.31 -7.44 32.45
CA ALA D 176 16.22 -8.22 33.28
C ALA D 176 16.33 -9.63 32.73
N ALA D 177 15.19 -10.21 32.36
CA ALA D 177 15.18 -11.57 31.81
C ALA D 177 15.93 -11.63 30.49
N GLN D 178 15.81 -10.57 29.70
CA GLN D 178 16.50 -10.47 28.42
C GLN D 178 18.02 -10.65 28.61
N PHE D 179 18.60 -9.92 29.56
CA PHE D 179 20.04 -10.04 29.79
C PHE D 179 20.39 -11.31 30.53
N GLN D 180 19.53 -11.79 31.42
CA GLN D 180 19.79 -13.09 32.04
C GLN D 180 19.85 -14.21 31.03
N ALA D 181 19.08 -14.06 29.95
CA ALA D 181 19.02 -15.09 28.91
C ALA D 181 20.34 -15.28 28.17
N VAL D 182 21.17 -14.26 28.19
CA VAL D 182 22.51 -14.34 27.60
C VAL D 182 23.60 -14.28 28.69
N GLU D 183 23.23 -14.68 29.90
CA GLU D 183 24.17 -14.90 31.00
C GLU D 183 24.88 -13.61 31.40
N ALA D 184 24.19 -12.50 31.17
CA ALA D 184 24.66 -11.19 31.58
C ALA D 184 23.97 -10.76 32.85
N ILE D 185 24.38 -9.60 33.36
CA ILE D 185 23.95 -9.14 34.67
C ILE D 185 23.22 -7.82 34.52
N PRO D 186 21.89 -7.85 34.58
CA PRO D 186 21.13 -6.60 34.45
C PRO D 186 21.10 -5.84 35.76
N VAL D 187 21.22 -4.51 35.65
N VAL D 187 21.29 -4.52 35.69
CA VAL D 187 21.20 -3.60 36.79
CA VAL D 187 21.12 -3.67 36.86
C VAL D 187 20.19 -2.48 36.51
C VAL D 187 20.19 -2.51 36.52
N LYS D 188 19.11 -2.41 37.29
CA LYS D 188 18.09 -1.39 37.08
C LYS D 188 18.55 -0.08 37.70
N LYS D 189 18.68 0.95 36.86
CA LYS D 189 19.10 2.27 37.31
C LYS D 189 18.36 3.35 36.52
N PRO D 190 18.15 4.52 37.12
CA PRO D 190 17.45 5.60 36.41
C PRO D 190 18.30 6.18 35.28
N PHE D 191 17.64 6.68 34.26
CA PHE D 191 18.31 7.23 33.08
C PHE D 191 19.35 8.27 33.44
N SER D 192 19.07 9.09 34.44
CA SER D 192 19.98 10.17 34.81
C SER D 192 21.36 9.67 35.21
N GLU D 193 21.45 8.40 35.62
CA GLU D 193 22.71 7.86 36.13
C GLU D 193 23.57 7.18 35.07
N VAL D 194 23.02 6.95 33.89
CA VAL D 194 23.66 6.02 32.97
C VAL D 194 25.04 6.48 32.52
N PHE D 195 25.17 7.74 32.11
CA PHE D 195 26.47 8.18 31.62
C PHE D 195 27.54 8.00 32.70
N THR D 196 27.22 8.41 33.92
CA THR D 196 28.16 8.31 35.03
C THR D 196 28.53 6.84 35.31
N LEU D 197 27.54 5.96 35.28
CA LEU D 197 27.80 4.54 35.46
C LEU D 197 28.75 3.99 34.40
N LEU D 198 28.57 4.40 33.16
CA LEU D 198 29.43 3.94 32.08
C LEU D 198 30.82 4.53 32.22
N GLN D 199 30.85 5.83 32.49
CA GLN D 199 32.10 6.57 32.60
C GLN D 199 33.00 6.00 33.69
N THR D 200 32.41 5.64 34.83
CA THR D 200 33.17 5.10 35.97
C THR D 200 33.35 3.59 35.92
N ARG D 201 32.82 2.99 34.87
CA ARG D 201 32.95 1.56 34.60
C ARG D 201 32.29 0.71 35.67
N ALA D 202 31.28 1.28 36.32
CA ALA D 202 30.46 0.53 37.25
C ALA D 202 29.57 -0.44 36.48
N ILE D 203 29.27 -0.14 35.22
CA ILE D 203 28.58 -1.06 34.35
C ILE D 203 29.38 -1.16 33.06
N ASP D 204 29.21 -2.26 32.32
CA ASP D 204 29.97 -2.48 31.11
C ASP D 204 29.24 -2.02 29.87
N GLY D 205 27.91 -2.11 29.88
CA GLY D 205 27.12 -1.83 28.71
C GLY D 205 25.70 -1.39 29.01
N GLN D 206 24.95 -1.16 27.93
CA GLN D 206 23.56 -0.73 28.05
C GLN D 206 22.85 -0.98 26.71
N GLU D 207 21.59 -0.57 26.63
CA GLU D 207 20.81 -0.65 25.39
C GLU D 207 20.04 0.64 25.22
N ASN D 208 20.05 1.23 24.02
CA ASN D 208 19.27 2.42 23.82
C ASN D 208 19.16 2.79 22.35
N THR D 209 18.36 3.81 22.06
CA THR D 209 18.21 4.28 20.70
C THR D 209 19.39 5.13 20.27
N TRP D 210 19.56 5.28 18.96
CA TRP D 210 20.62 6.15 18.46
C TRP D 210 20.49 7.53 19.07
N SER D 211 19.26 8.03 19.17
CA SER D 211 19.05 9.38 19.70
C SER D 211 19.56 9.51 21.15
N ASN D 212 19.29 8.54 22.01
CA ASN D 212 19.79 8.63 23.37
C ASN D 212 21.29 8.38 23.43
N ILE D 213 21.79 7.43 22.64
CA ILE D 213 23.23 7.14 22.67
C ILE D 213 24.02 8.39 22.28
N TYR D 214 23.53 9.11 21.27
CA TYR D 214 24.18 10.35 20.84
C TYR D 214 23.97 11.52 21.82
N SER D 215 22.72 11.79 22.17
CA SER D 215 22.41 13.01 22.94
C SER D 215 22.99 12.95 24.35
N LYS D 216 23.11 11.74 24.89
CA LYS D 216 23.69 11.54 26.22
C LYS D 216 25.15 11.13 26.19
N LYS D 217 25.74 11.10 25.00
CA LYS D 217 27.15 10.84 24.81
C LYS D 217 27.60 9.47 25.33
N PHE D 218 26.70 8.49 25.31
CA PHE D 218 27.08 7.16 25.75
C PHE D 218 28.17 6.61 24.82
N TYR D 219 28.17 7.04 23.55
CA TYR D 219 29.17 6.55 22.61
C TYR D 219 30.59 6.98 22.98
N GLU D 220 30.71 8.05 23.77
CA GLU D 220 32.03 8.53 24.18
C GLU D 220 32.65 7.67 25.28
N VAL D 221 31.82 6.83 25.90
CA VAL D 221 32.22 5.93 26.98
C VAL D 221 31.86 4.47 26.71
N GLN D 222 31.63 4.17 25.43
CA GLN D 222 31.34 2.81 24.95
C GLN D 222 32.05 2.58 23.62
N SER D 223 33.05 1.70 23.64
CA SER D 223 33.86 1.43 22.47
C SER D 223 33.16 0.65 21.37
N ASN D 224 32.07 -0.01 21.72
CA ASN D 224 31.39 -0.89 20.78
C ASN D 224 29.88 -0.71 20.83
N ILE D 225 29.25 -0.64 19.66
CA ILE D 225 27.80 -0.61 19.54
C ILE D 225 27.42 -1.67 18.51
N THR D 226 26.37 -2.43 18.77
CA THR D 226 25.80 -3.36 17.80
C THR D 226 24.44 -2.87 17.36
N GLU D 227 24.24 -2.73 16.06
CA GLU D 227 22.93 -2.38 15.54
C GLU D 227 22.05 -3.61 15.55
N SER D 228 21.59 -3.95 16.74
CA SER D 228 20.81 -5.14 16.98
C SER D 228 19.31 -4.98 16.73
N ASN D 229 18.82 -3.75 16.81
CA ASN D 229 17.39 -3.48 16.65
C ASN D 229 16.56 -4.52 17.43
N HIS D 230 16.95 -4.80 18.67
CA HIS D 230 16.43 -5.99 19.35
C HIS D 230 15.20 -5.73 20.19
N GLY D 231 14.78 -4.46 20.25
CA GLY D 231 13.57 -4.10 20.95
C GLY D 231 13.20 -2.67 20.61
N VAL D 232 12.00 -2.24 21.03
CA VAL D 232 11.57 -0.87 20.80
C VAL D 232 11.59 -0.07 22.09
N LEU D 233 12.08 1.17 22.00
CA LEU D 233 11.96 2.13 23.08
C LEU D 233 11.04 3.27 22.62
N ASP D 234 9.79 3.18 23.05
CA ASP D 234 8.77 4.20 22.77
C ASP D 234 8.17 4.63 24.12
N TYR D 235 7.32 5.65 24.05
CA TYR D 235 6.73 6.26 25.24
C TYR D 235 5.23 6.23 25.21
N VAL D 237 2.61 9.10 26.57
CA VAL D 237 2.34 10.35 27.24
C VAL D 237 1.13 10.12 28.12
N VAL D 238 1.25 10.46 29.40
CA VAL D 238 0.19 10.23 30.38
C VAL D 238 -0.07 11.44 31.28
N THR D 239 -1.28 11.47 31.84
CA THR D 239 -1.63 12.42 32.89
C THR D 239 -2.39 11.68 33.97
N SER D 240 -2.78 12.37 35.03
CA SER D 240 -3.60 11.76 36.06
C SER D 240 -5.07 11.98 35.75
N ASN D 241 -5.89 11.04 36.17
CA ASN D 241 -7.32 11.25 36.07
C ASN D 241 -7.74 12.50 36.81
N THR D 242 -7.13 12.76 37.96
N THR D 242 -7.14 12.71 37.98
CA THR D 242 -7.59 13.88 38.75
CA THR D 242 -7.46 13.88 38.79
C THR D 242 -7.30 15.22 38.06
C THR D 242 -7.34 15.15 37.96
N PHE D 243 -6.15 15.36 37.40
CA PHE D 243 -5.88 16.57 36.65
C PHE D 243 -6.78 16.64 35.40
N TRP D 244 -6.83 15.56 34.64
CA TRP D 244 -7.56 15.58 33.37
C TRP D 244 -9.04 15.90 33.58
N LYS D 245 -9.65 15.29 34.59
CA LYS D 245 -11.07 15.55 34.91
C LYS D 245 -11.31 16.96 35.42
N SER D 246 -10.28 17.57 35.97
CA SER D 246 -10.42 18.90 36.58
C SER D 246 -10.54 20.02 35.56
N LEU D 247 -10.05 19.78 34.35
CA LEU D 247 -10.09 20.77 33.27
C LEU D 247 -11.49 20.96 32.75
N PRO D 248 -11.85 22.21 32.41
CA PRO D 248 -13.11 22.38 31.69
C PRO D 248 -13.03 21.65 30.35
N ALA D 249 -14.13 21.06 29.90
CA ALA D 249 -14.07 20.21 28.72
C ALA D 249 -13.54 20.95 27.49
N ASP D 250 -13.91 22.21 27.31
CA ASP D 250 -13.47 22.95 26.13
C ASP D 250 -11.95 23.19 26.14
N LYS D 251 -11.40 23.48 27.31
CA LYS D 251 -9.96 23.66 27.44
C LYS D 251 -9.24 22.33 27.28
N ARG D 252 -9.79 21.29 27.90
CA ARG D 252 -9.21 19.95 27.76
C ARG D 252 -9.10 19.57 26.28
N LYS D 253 -10.12 19.87 25.49
CA LYS D 253 -10.10 19.54 24.08
C LYS D 253 -8.94 20.23 23.33
N VAL D 254 -8.73 21.51 23.61
CA VAL D 254 -7.65 22.25 22.99
C VAL D 254 -6.27 21.73 23.41
N ILE D 255 -6.14 21.41 24.70
CA ILE D 255 -4.88 20.88 25.23
C ILE D 255 -4.62 19.51 24.58
N LYS D 256 -5.66 18.70 24.44
CA LYS D 256 -5.48 17.39 23.82
C LYS D 256 -5.11 17.51 22.36
N ALA D 257 -5.76 18.40 21.62
CA ALA D 257 -5.40 18.61 20.23
C ALA D 257 -3.94 19.07 20.12
N SER D 258 -3.52 19.95 21.02
CA SER D 258 -2.15 20.44 21.02
C SER D 258 -1.18 19.31 21.28
N LEU D 259 -1.53 18.43 22.21
CA LEU D 259 -0.68 17.28 22.50
C LEU D 259 -0.59 16.36 21.29
N ASP D 260 -1.72 16.07 20.66
CA ASP D 260 -1.71 15.19 19.50
C ASP D 260 -0.77 15.77 18.42
N GLU D 261 -0.86 17.08 18.19
CA GLU D 261 -0.04 17.71 17.16
C GLU D 261 1.44 17.68 17.55
N ALA D 262 1.71 17.87 18.84
CA ALA D 262 3.07 17.84 19.35
C ALA D 262 3.66 16.45 19.21
N ILE D 263 2.85 15.42 19.43
CA ILE D 263 3.29 14.05 19.25
C ILE D 263 3.63 13.76 17.79
N ALA D 264 2.78 14.22 16.88
CA ALA D 264 3.06 14.06 15.45
C ALA D 264 4.41 14.69 15.09
N TYR D 265 4.63 15.87 15.67
CA TYR D 265 5.90 16.59 15.48
C TYR D 265 7.08 15.81 16.02
N GLY D 266 6.95 15.32 17.25
CA GLY D 266 8.01 14.52 17.85
C GLY D 266 8.30 13.23 17.09
N ASN D 267 7.26 12.63 16.51
CA ASN D 267 7.44 11.41 15.73
C ASN D 267 8.27 11.66 14.48
N GLU D 268 8.05 12.80 13.82
CA GLU D 268 8.86 13.13 12.67
C GLU D 268 10.31 13.32 13.08
N ILE D 269 10.53 13.97 14.20
CA ILE D 269 11.87 14.13 14.74
C ILE D 269 12.51 12.77 15.06
N ALA D 270 11.74 11.88 15.68
CA ALA D 270 12.26 10.58 16.00
C ALA D 270 12.77 9.85 14.75
N ALA D 271 12.01 9.95 13.66
CA ALA D 271 12.39 9.25 12.44
C ALA D 271 13.67 9.86 11.85
N ALA D 272 13.77 11.19 11.91
CA ALA D 272 14.91 11.91 11.34
C ALA D 272 16.20 11.70 12.14
N LYS D 273 16.07 11.53 13.46
CA LYS D 273 17.27 11.38 14.28
C LYS D 273 17.96 10.06 14.08
N VAL D 274 17.26 9.04 13.62
CA VAL D 274 17.87 7.72 13.52
C VAL D 274 19.15 7.81 12.69
N ASN D 275 19.05 8.31 11.48
CA ASN D 275 20.24 8.33 10.64
C ASN D 275 21.16 9.48 10.95
N LYS D 276 20.61 10.60 11.39
CA LYS D 276 21.47 11.74 11.75
C LYS D 276 22.39 11.39 12.91
N ASP D 277 21.82 10.84 13.97
CA ASP D 277 22.59 10.52 15.15
C ASP D 277 23.48 9.30 14.96
N LYS D 278 23.01 8.30 14.23
CA LYS D 278 23.86 7.17 13.86
C LYS D 278 25.09 7.67 13.10
N GLN D 279 24.87 8.51 12.09
CA GLN D 279 25.98 9.08 11.34
C GLN D 279 26.95 9.83 12.24
N ALA D 280 26.43 10.64 13.17
CA ALA D 280 27.32 11.41 14.04
C ALA D 280 28.20 10.50 14.88
N ILE D 281 27.61 9.43 15.39
CA ILE D 281 28.33 8.48 16.21
C ILE D 281 29.42 7.79 15.38
N ILE D 282 29.07 7.29 14.20
CA ILE D 282 30.03 6.67 13.29
C ILE D 282 31.14 7.64 12.92
N ASP D 283 30.78 8.88 12.59
CA ASP D 283 31.76 9.86 12.17
C ASP D 283 32.76 10.20 13.28
N SER D 284 32.36 10.07 14.54
CA SER D 284 33.25 10.42 15.66
C SER D 284 34.45 9.49 15.79
N LYS D 285 34.32 8.29 15.22
CA LYS D 285 35.31 7.23 15.38
C LYS D 285 35.56 6.80 16.84
N ARG D 286 34.69 7.19 17.77
CA ARG D 286 34.84 6.78 19.17
C ARG D 286 34.29 5.38 19.46
N SER D 287 33.37 4.94 18.61
N SER D 287 33.43 4.88 18.58
CA SER D 287 32.73 3.63 18.77
CA SER D 287 32.75 3.62 18.83
C SER D 287 32.78 2.85 17.47
C SER D 287 32.50 2.79 17.57
N GLU D 288 32.97 1.55 17.57
CA GLU D 288 32.87 0.69 16.41
C GLU D 288 31.48 0.10 16.34
N VAL D 289 30.79 0.36 15.24
CA VAL D 289 29.45 -0.19 15.02
C VAL D 289 29.51 -1.51 14.26
N THR D 290 28.96 -2.54 14.90
CA THR D 290 28.83 -3.87 14.33
C THR D 290 27.42 -4.07 13.79
N TYR D 291 27.33 -4.63 12.58
CA TYR D 291 26.07 -5.03 11.95
C TYR D 291 26.02 -6.54 11.98
N LEU D 292 24.86 -7.10 12.31
CA LEU D 292 24.75 -8.54 12.48
C LEU D 292 24.39 -9.23 11.17
N THR D 293 25.10 -10.30 10.84
CA THR D 293 24.70 -11.18 9.76
C THR D 293 23.38 -11.84 10.12
N PRO D 294 22.67 -12.36 9.12
CA PRO D 294 21.41 -13.04 9.46
C PRO D 294 21.63 -14.18 10.45
N GLU D 295 22.74 -14.90 10.30
CA GLU D 295 23.04 -16.00 11.19
C GLU D 295 23.28 -15.50 12.63
N GLN D 296 23.94 -14.36 12.77
CA GLN D 296 24.20 -13.81 14.10
C GLN D 296 22.90 -13.32 14.74
N ARG D 297 22.09 -12.59 13.98
CA ARG D 297 20.79 -12.14 14.49
C ARG D 297 19.98 -13.34 14.97
N ALA D 298 19.94 -14.41 14.17
CA ALA D 298 19.16 -15.59 14.53
C ALA D 298 19.63 -16.20 15.85
N ALA D 299 20.94 -16.13 16.13
CA ALA D 299 21.45 -16.63 17.40
C ALA D 299 20.91 -15.82 18.59
N TRP D 300 20.88 -14.50 18.46
CA TRP D 300 20.30 -13.66 19.49
C TRP D 300 18.82 -13.92 19.65
N VAL D 301 18.09 -14.02 18.56
CA VAL D 301 16.67 -14.34 18.63
C VAL D 301 16.44 -15.66 19.38
N ASN D 302 17.22 -16.68 19.04
CA ASN D 302 17.05 -17.99 19.67
C ASN D 302 17.33 -17.92 21.17
N ALA D 303 18.34 -17.15 21.56
CA ALA D 303 18.68 -16.98 22.96
C ALA D 303 17.55 -16.33 23.79
N LYS D 305 14.17 -16.86 23.36
CA LYS D 305 12.92 -17.62 23.44
C LYS D 305 12.41 -17.80 24.87
N PRO D 306 13.30 -18.13 25.79
CA PRO D 306 12.81 -18.31 27.16
C PRO D 306 12.13 -17.05 27.72
N VAL D 307 12.45 -15.87 27.20
CA VAL D 307 11.88 -14.66 27.76
C VAL D 307 10.41 -14.56 27.39
N TRP D 308 10.06 -14.83 26.14
CA TRP D 308 8.66 -14.75 25.74
C TRP D 308 7.82 -15.75 26.55
N ALA D 309 8.33 -16.97 26.70
CA ALA D 309 7.62 -18.01 27.46
C ALA D 309 7.41 -17.56 28.90
N GLN D 310 8.42 -16.92 29.48
CA GLN D 310 8.33 -16.50 30.87
C GLN D 310 7.19 -15.51 31.10
N PHE D 311 6.94 -14.62 30.13
CA PHE D 311 6.00 -13.53 30.34
C PHE D 311 4.66 -13.65 29.59
N GLU D 312 4.51 -14.72 28.83
CA GLU D 312 3.30 -14.92 28.02
C GLU D 312 2.01 -14.76 28.82
N ASP D 313 1.93 -15.44 29.96
CA ASP D 313 0.71 -15.43 30.77
C ASP D 313 0.48 -14.08 31.43
N LYS D 314 1.58 -13.43 31.84
CA LYS D 314 1.49 -12.14 32.52
C LYS D 314 0.99 -11.06 31.55
N ILE D 315 1.55 -11.05 30.35
CA ILE D 315 1.18 -10.09 29.32
C ILE D 315 -0.14 -10.42 28.66
N GLY D 316 -0.32 -11.71 28.35
CA GLY D 316 -1.51 -12.20 27.66
C GLY D 316 -1.16 -12.67 26.25
N LYS D 317 -1.38 -13.94 25.97
CA LYS D 317 -1.07 -14.48 24.68
C LYS D 317 -1.80 -13.78 23.53
N ASP D 318 -3.06 -13.42 23.73
CA ASP D 318 -3.84 -12.81 22.65
C ASP D 318 -3.22 -11.46 22.26
N LEU D 319 -2.73 -10.73 23.25
CA LEU D 319 -2.06 -9.48 23.02
C LEU D 319 -0.74 -9.67 22.25
N ILE D 320 0.05 -10.67 22.66
CA ILE D 320 1.26 -11.00 21.92
C ILE D 320 0.93 -11.41 20.47
N ASP D 321 -0.13 -12.18 20.28
CA ASP D 321 -0.51 -12.58 18.93
C ASP D 321 -0.86 -11.37 18.06
N ALA D 322 -1.51 -10.38 18.67
CA ALA D 322 -1.82 -9.12 17.98
C ALA D 322 -0.54 -8.41 17.56
N ALA D 323 0.39 -8.26 18.49
CA ALA D 323 1.64 -7.60 18.18
C ALA D 323 2.41 -8.37 17.10
N VAL D 324 2.44 -9.68 17.17
CA VAL D 324 3.10 -10.48 16.14
C VAL D 324 2.49 -10.16 14.76
N ALA D 325 1.16 -10.03 14.73
CA ALA D 325 0.43 -9.77 13.49
C ALA D 325 0.72 -8.39 12.90
N SER D 326 1.23 -7.45 13.70
CA SER D 326 1.60 -6.13 13.19
C SER D 326 2.81 -6.16 12.26
N ASN D 327 3.54 -7.28 12.25
CA ASN D 327 4.67 -7.43 11.32
C ASN D 327 4.22 -7.84 9.90
#